data_6CXV
#
_entry.id   6CXV
#
_cell.length_a   88.660
_cell.length_b   98.090
_cell.length_c   126.740
_cell.angle_alpha   90.00
_cell.angle_beta   90.00
_cell.angle_gamma   90.00
#
_symmetry.space_group_name_H-M   'P 21 21 21'
#
loop_
_entity.id
_entity.type
_entity.pdbx_description
1 polymer 'Indoleamine 2,3-dioxygenase 1'
2 non-polymer 'PROTOPORPHYRIN IX CONTAINING FE'
3 non-polymer 'CYANIDE ION'
4 non-polymer TRYPTOPHAN
5 non-polymer 2-(1H-indol-3-yl)ethanol
6 water water
#
_entity_poly.entity_id   1
_entity_poly.type   'polypeptide(L)'
_entity_poly.pdbx_seq_one_letter_code
;MSKEYHIDEEVGFALPNPQENLPDFYNDWMFIAKHLPDLIESGQLRERVEKLNMLSIDHLTDHKSQRLARLVLGCITMAY
VWGKGHGDVRKVLPRNIAVPYCQLSKKLELPPILVYADCVLANWKKKDPNKPLTYENMDVLFSFRDGDCSKGFFLVHLLV
EIAAASAIKVIPTVFKAMQMQERDTLLKALLEIASCLEKALQVFHQIHDHVNPKAFFSVLRIYLSGWKGNPQLSDGLVYE
GFWEDPKEFAGGSAGQSSVFQCFDVLLGIQQTAGGGHAAQFLQDMRRYMPPAHRNFLCSLESNPSVREFVLSKGDAGLRE
AYDACVKALVSLRSYHLQIVTKYILIPASQQPKENKTSEDPSKLEAKGTGGTDLMNFLKTVRSTTEKSLLKEGKGELNSK
LEGKPIPNPLLGLDSTRTGHHHHHH
;
_entity_poly.pdbx_strand_id   A,B
#
loop_
_chem_comp.id
_chem_comp.type
_chem_comp.name
_chem_comp.formula
CYN non-polymer 'CYANIDE ION' 'C N -1'
HEM non-polymer 'PROTOPORPHYRIN IX CONTAINING FE' 'C34 H32 Fe N4 O4'
ZCW non-polymer 2-(1H-indol-3-yl)ethanol 'C10 H11 N O'
#
# COMPACT_ATOMS: atom_id res chain seq x y z
N TYR A 5 -12.40 -15.13 0.62
CA TYR A 5 -10.98 -14.64 0.49
C TYR A 5 -9.94 -15.79 0.43
N HIS A 6 -10.38 -16.99 0.05
CA HIS A 6 -9.57 -18.22 0.12
C HIS A 6 -8.98 -18.44 1.52
N ILE A 7 -9.86 -18.69 2.49
CA ILE A 7 -9.50 -19.02 3.86
C ILE A 7 -10.25 -20.29 4.28
N ASP A 8 -9.53 -21.19 4.96
CA ASP A 8 -10.06 -22.47 5.42
C ASP A 8 -10.08 -22.49 6.96
N GLU A 9 -11.13 -23.04 7.55
CA GLU A 9 -11.21 -23.22 9.00
C GLU A 9 -10.16 -24.22 9.50
N GLU A 10 -9.94 -25.28 8.71
CA GLU A 10 -8.97 -26.33 9.05
C GLU A 10 -7.50 -25.88 8.93
N VAL A 11 -7.13 -25.22 7.83
CA VAL A 11 -5.71 -24.91 7.51
C VAL A 11 -5.28 -23.43 7.35
N GLY A 12 -6.23 -22.50 7.28
CA GLY A 12 -5.93 -21.05 7.18
C GLY A 12 -5.77 -20.52 5.78
N PHE A 13 -4.66 -19.82 5.52
CA PHE A 13 -4.36 -19.27 4.19
C PHE A 13 -3.59 -20.23 3.27
N ALA A 14 -3.10 -21.33 3.81
CA ALA A 14 -2.50 -22.39 2.98
C ALA A 14 -3.55 -23.08 2.12
N LEU A 15 -3.12 -23.63 0.99
CA LEU A 15 -3.99 -24.41 0.11
C LEU A 15 -4.34 -25.72 0.82
N PRO A 16 -5.65 -26.04 1.00
CA PRO A 16 -5.97 -27.35 1.57
C PRO A 16 -5.53 -28.51 0.65
N ASN A 17 -4.39 -29.11 0.99
CA ASN A 17 -3.68 -30.07 0.14
C ASN A 17 -3.38 -29.52 -1.26
N PRO A 18 -2.22 -28.85 -1.44
CA PRO A 18 -1.91 -28.26 -2.74
C PRO A 18 -1.50 -29.27 -3.81
N GLN A 19 -1.39 -28.80 -5.05
CA GLN A 19 -1.02 -29.63 -6.19
C GLN A 19 0.42 -30.11 -6.04
N GLU A 20 0.62 -31.42 -6.15
CA GLU A 20 1.94 -32.06 -5.96
C GLU A 20 2.72 -32.26 -7.27
N ASN A 21 2.02 -32.58 -8.37
CA ASN A 21 2.64 -32.82 -9.69
C ASN A 21 1.82 -32.18 -10.82
N LEU A 22 2.53 -31.65 -11.81
CA LEU A 22 1.93 -30.85 -12.89
C LEU A 22 1.36 -31.72 -14.02
N PRO A 23 0.75 -31.09 -15.04
CA PRO A 23 0.61 -31.74 -16.34
C PRO A 23 1.96 -32.13 -16.96
N ASP A 24 1.96 -33.19 -17.75
CA ASP A 24 3.20 -33.75 -18.32
C ASP A 24 3.95 -32.83 -19.29
N PHE A 25 3.23 -31.90 -19.94
CA PHE A 25 3.84 -30.88 -20.82
C PHE A 25 5.01 -30.14 -20.16
N TYR A 26 4.91 -29.93 -18.84
CA TYR A 26 5.96 -29.30 -18.03
C TYR A 26 6.74 -30.34 -17.21
N ASN A 27 7.34 -31.31 -17.91
CA ASN A 27 8.19 -32.32 -17.26
C ASN A 27 9.64 -31.87 -17.19
N ASP A 28 10.08 -31.09 -18.19
CA ASP A 28 11.38 -30.37 -18.14
C ASP A 28 11.52 -29.59 -16.84
N TRP A 29 10.46 -28.85 -16.50
CA TRP A 29 10.39 -28.04 -15.27
C TRP A 29 10.43 -28.88 -13.99
N MET A 30 9.53 -29.85 -13.90
CA MET A 30 9.33 -30.67 -12.70
C MET A 30 10.55 -31.53 -12.33
N PHE A 31 11.34 -31.96 -13.33
CA PHE A 31 12.56 -32.74 -13.06
C PHE A 31 13.65 -31.91 -12.38
N ILE A 32 13.84 -30.67 -12.84
CA ILE A 32 14.91 -29.80 -12.31
C ILE A 32 14.58 -29.37 -10.88
N ALA A 33 13.33 -29.01 -10.63
CA ALA A 33 12.86 -28.62 -9.29
C ALA A 33 12.91 -29.75 -8.26
N LYS A 34 12.51 -30.96 -8.66
CA LYS A 34 12.50 -32.14 -7.77
C LYS A 34 13.90 -32.63 -7.39
N HIS A 35 14.91 -32.36 -8.22
CA HIS A 35 16.29 -32.81 -7.97
C HIS A 35 17.26 -31.63 -7.88
N LEU A 36 16.88 -30.60 -7.13
CA LEU A 36 17.74 -29.43 -6.89
C LEU A 36 18.94 -29.69 -5.99
N PRO A 37 18.80 -30.53 -4.94
CA PRO A 37 19.98 -30.85 -4.12
C PRO A 37 21.18 -31.39 -4.90
N ASP A 38 20.92 -32.31 -5.84
CA ASP A 38 21.96 -32.97 -6.63
C ASP A 38 22.56 -32.06 -7.69
N LEU A 39 21.69 -31.42 -8.48
CA LEU A 39 22.13 -30.56 -9.60
C LEU A 39 22.95 -29.34 -9.19
N ILE A 40 22.67 -28.80 -8.00
CA ILE A 40 23.42 -27.64 -7.48
C ILE A 40 24.82 -28.07 -6.98
N GLU A 41 24.89 -29.20 -6.28
CA GLU A 41 26.16 -29.73 -5.78
C GLU A 41 27.04 -30.30 -6.90
N SER A 42 26.40 -30.79 -7.96
CA SER A 42 27.10 -31.22 -9.19
C SER A 42 27.71 -30.05 -9.97
N GLY A 43 27.14 -28.86 -9.81
CA GLY A 43 27.57 -27.67 -10.55
C GLY A 43 27.03 -27.64 -11.97
N GLN A 44 26.04 -28.49 -12.26
CA GLN A 44 25.47 -28.63 -13.61
C GLN A 44 24.05 -28.04 -13.72
N LEU A 45 23.59 -27.35 -12.68
CA LEU A 45 22.21 -26.83 -12.63
C LEU A 45 21.98 -25.74 -13.68
N ARG A 46 22.94 -24.84 -13.83
CA ARG A 46 22.81 -23.68 -14.72
C ARG A 46 22.81 -24.05 -16.21
N GLU A 47 23.62 -25.03 -16.60
CA GLU A 47 23.62 -25.54 -17.98
C GLU A 47 22.27 -26.22 -18.28
N ARG A 48 21.79 -27.04 -17.34
CA ARG A 48 20.50 -27.73 -17.45
C ARG A 48 19.29 -26.78 -17.60
N VAL A 49 19.39 -25.58 -17.00
CA VAL A 49 18.37 -24.54 -17.15
C VAL A 49 18.59 -23.71 -18.42
N GLU A 50 19.86 -23.42 -18.75
CA GLU A 50 20.20 -22.70 -19.99
C GLU A 50 19.81 -23.49 -21.24
N LYS A 51 20.06 -24.80 -21.22
CA LYS A 51 19.63 -25.71 -22.29
C LYS A 51 18.19 -26.17 -22.00
N LEU A 52 17.24 -25.30 -22.32
CA LEU A 52 15.80 -25.59 -22.18
C LEU A 52 14.99 -24.99 -23.32
N ASN A 53 13.71 -25.37 -23.37
CA ASN A 53 12.76 -24.84 -24.33
C ASN A 53 11.84 -23.85 -23.61
N MET A 54 11.33 -22.87 -24.35
CA MET A 54 10.39 -21.89 -23.79
C MET A 54 8.97 -22.45 -23.81
N LEU A 55 8.60 -23.14 -22.74
CA LEU A 55 7.28 -23.78 -22.63
C LEU A 55 6.19 -22.73 -22.35
N SER A 56 5.13 -22.73 -23.16
CA SER A 56 4.01 -21.80 -22.99
C SER A 56 3.12 -22.23 -21.82
N ILE A 57 2.56 -21.24 -21.11
CA ILE A 57 1.83 -21.49 -19.85
C ILE A 57 0.33 -21.81 -20.00
N ASP A 58 -0.19 -21.80 -21.24
CA ASP A 58 -1.63 -22.01 -21.51
C ASP A 58 -2.24 -23.32 -20.99
N HIS A 59 -1.42 -24.36 -20.85
CA HIS A 59 -1.93 -25.71 -20.52
C HIS A 59 -1.99 -26.02 -19.01
N LEU A 60 -1.77 -25.00 -18.16
CA LEU A 60 -1.98 -25.12 -16.72
C LEU A 60 -3.46 -24.89 -16.40
N THR A 61 -4.13 -25.92 -15.88
CA THR A 61 -5.60 -25.95 -15.78
C THR A 61 -6.19 -24.83 -14.90
N ASP A 62 -5.89 -24.86 -13.61
CA ASP A 62 -6.60 -24.09 -12.59
C ASP A 62 -5.63 -23.34 -11.65
N HIS A 63 -6.14 -22.80 -10.55
CA HIS A 63 -5.33 -22.06 -9.57
C HIS A 63 -4.29 -22.96 -8.87
N LYS A 64 -4.73 -24.11 -8.35
CA LYS A 64 -3.83 -25.06 -7.65
C LYS A 64 -2.62 -25.49 -8.48
N SER A 65 -2.85 -25.69 -9.78
CA SER A 65 -1.79 -26.06 -10.72
C SER A 65 -0.82 -24.90 -10.98
N GLN A 66 -1.37 -23.70 -11.20
CA GLN A 66 -0.58 -22.48 -11.39
C GLN A 66 0.27 -22.11 -10.16
N ARG A 67 -0.25 -22.38 -8.97
CA ARG A 67 0.48 -22.13 -7.72
C ARG A 67 1.62 -23.12 -7.48
N LEU A 68 1.49 -24.36 -7.97
CA LEU A 68 2.62 -25.30 -8.00
C LEU A 68 3.69 -24.85 -9.00
N ALA A 69 3.27 -24.38 -10.17
CA ALA A 69 4.18 -23.89 -11.21
C ALA A 69 4.99 -22.67 -10.75
N ARG A 70 4.34 -21.76 -10.03
CA ARG A 70 5.01 -20.65 -9.30
C ARG A 70 6.15 -21.14 -8.43
N LEU A 71 5.87 -22.19 -7.66
CA LEU A 71 6.83 -22.79 -6.72
C LEU A 71 7.98 -23.49 -7.45
N VAL A 72 7.64 -24.20 -8.52
CA VAL A 72 8.63 -24.87 -9.38
C VAL A 72 9.54 -23.86 -10.07
N LEU A 73 8.95 -22.89 -10.75
CA LEU A 73 9.70 -21.83 -11.43
C LEU A 73 10.46 -20.91 -10.46
N GLY A 74 9.86 -20.66 -9.29
CA GLY A 74 10.46 -19.82 -8.26
C GLY A 74 11.69 -20.45 -7.63
N CYS A 75 11.55 -21.70 -7.18
CA CYS A 75 12.68 -22.48 -6.64
C CYS A 75 13.82 -22.60 -7.64
N ILE A 76 13.47 -22.92 -8.88
CA ILE A 76 14.46 -23.04 -9.97
C ILE A 76 15.21 -21.71 -10.17
N THR A 77 14.48 -20.59 -10.23
CA THR A 77 15.10 -19.27 -10.41
C THR A 77 16.07 -18.89 -9.28
N MET A 78 15.76 -19.30 -8.05
CA MET A 78 16.65 -19.09 -6.90
C MET A 78 17.90 -19.96 -7.00
N ALA A 79 17.72 -21.23 -7.31
CA ALA A 79 18.83 -22.14 -7.52
C ALA A 79 19.75 -21.68 -8.66
N TYR A 80 19.14 -21.11 -9.72
CA TYR A 80 19.89 -20.57 -10.85
C TYR A 80 20.66 -19.30 -10.51
N VAL A 81 19.99 -18.33 -9.90
CA VAL A 81 20.62 -17.03 -9.58
C VAL A 81 21.75 -17.17 -8.56
N TRP A 82 21.50 -17.91 -7.49
CA TRP A 82 22.48 -18.05 -6.40
C TRP A 82 23.51 -19.17 -6.63
N GLY A 83 23.11 -20.24 -7.33
CA GLY A 83 24.03 -21.32 -7.68
C GLY A 83 24.39 -22.19 -6.48
N LYS A 84 25.67 -22.52 -6.34
CA LYS A 84 26.17 -23.26 -5.17
C LYS A 84 26.14 -22.41 -3.89
N GLY A 85 26.09 -21.09 -4.06
CA GLY A 85 25.85 -20.15 -2.95
C GLY A 85 27.08 -19.44 -2.43
N HIS A 86 28.22 -19.59 -3.11
CA HIS A 86 29.51 -19.10 -2.60
C HIS A 86 29.86 -17.69 -3.04
N GLY A 87 29.20 -17.20 -4.10
CA GLY A 87 29.57 -15.93 -4.73
C GLY A 87 29.35 -15.91 -6.23
N ASP A 88 29.46 -17.06 -6.88
CA ASP A 88 29.16 -17.21 -8.31
C ASP A 88 27.67 -16.93 -8.59
N VAL A 89 27.35 -15.67 -8.87
CA VAL A 89 25.95 -15.22 -9.11
C VAL A 89 25.66 -15.03 -10.59
N ARG A 90 24.39 -15.20 -10.97
CA ARG A 90 23.92 -14.96 -12.34
C ARG A 90 23.01 -13.74 -12.38
N LYS A 91 23.50 -12.66 -12.99
CA LYS A 91 22.79 -11.38 -13.03
C LYS A 91 21.73 -11.31 -14.15
N VAL A 92 21.65 -12.35 -14.98
CA VAL A 92 20.70 -12.42 -16.10
C VAL A 92 20.04 -13.81 -16.12
N LEU A 93 18.71 -13.82 -16.25
CA LEU A 93 17.91 -15.05 -16.24
C LEU A 93 17.49 -15.41 -17.68
N PRO A 94 17.71 -16.67 -18.11
CA PRO A 94 17.36 -17.13 -19.47
C PRO A 94 15.94 -16.83 -19.92
N ARG A 95 15.78 -16.50 -21.21
CA ARG A 95 14.46 -16.23 -21.81
C ARG A 95 13.47 -17.40 -21.72
N ASN A 96 13.98 -18.63 -21.74
CA ASN A 96 13.12 -19.82 -21.78
C ASN A 96 12.39 -20.04 -20.46
N ILE A 97 13.07 -19.81 -19.33
CA ILE A 97 12.47 -19.92 -17.99
C ILE A 97 11.78 -18.63 -17.52
N ALA A 98 12.36 -17.47 -17.87
CA ALA A 98 11.93 -16.17 -17.32
C ALA A 98 10.59 -15.68 -17.86
N VAL A 99 10.37 -15.84 -19.16
CA VAL A 99 9.13 -15.36 -19.82
C VAL A 99 7.87 -16.08 -19.30
N PRO A 100 7.87 -17.43 -19.26
CA PRO A 100 6.70 -18.11 -18.65
C PRO A 100 6.50 -17.83 -17.15
N TYR A 101 7.58 -17.63 -16.40
CA TYR A 101 7.49 -17.27 -14.97
C TYR A 101 6.91 -15.87 -14.81
N CYS A 102 7.39 -14.91 -15.60
CA CYS A 102 6.83 -13.55 -15.62
C CYS A 102 5.36 -13.52 -16.07
N GLN A 103 5.03 -14.31 -17.08
CA GLN A 103 3.66 -14.44 -17.58
C GLN A 103 2.72 -15.06 -16.55
N LEU A 104 3.19 -16.12 -15.89
CA LEU A 104 2.45 -16.77 -14.80
C LEU A 104 2.33 -15.87 -13.57
N SER A 105 3.37 -15.07 -13.32
CA SER A 105 3.37 -14.11 -12.20
C SER A 105 2.41 -12.95 -12.45
N LYS A 106 2.39 -12.42 -13.67
CA LYS A 106 1.39 -11.39 -14.04
C LYS A 106 -0.06 -11.92 -13.99
N LYS A 107 -0.26 -13.20 -14.32
CA LYS A 107 -1.59 -13.81 -14.26
C LYS A 107 -2.09 -13.98 -12.82
N LEU A 108 -1.19 -14.39 -11.91
CA LEU A 108 -1.52 -14.52 -10.48
C LEU A 108 -1.35 -13.25 -9.64
N GLU A 109 -1.00 -12.13 -10.28
CA GLU A 109 -0.81 -10.83 -9.64
C GLU A 109 0.25 -10.87 -8.53
N LEU A 110 1.34 -11.57 -8.81
CA LEU A 110 2.48 -11.72 -7.90
C LEU A 110 3.75 -11.25 -8.59
N PRO A 111 4.84 -11.01 -7.84
CA PRO A 111 6.12 -10.67 -8.48
C PRO A 111 6.89 -11.94 -8.88
N PRO A 112 7.72 -11.85 -9.95
CA PRO A 112 8.48 -13.01 -10.44
C PRO A 112 9.69 -13.35 -9.57
N ILE A 113 9.41 -13.92 -8.40
CA ILE A 113 10.42 -14.31 -7.42
C ILE A 113 9.72 -15.15 -6.35
N LEU A 114 10.43 -16.08 -5.73
CA LEU A 114 9.82 -16.94 -4.71
C LEU A 114 9.32 -16.11 -3.53
N VAL A 115 8.09 -16.37 -3.11
CA VAL A 115 7.47 -15.69 -1.96
C VAL A 115 6.99 -16.70 -0.91
N TYR A 116 6.57 -16.16 0.24
CA TYR A 116 6.03 -16.97 1.33
C TYR A 116 4.88 -17.87 0.84
N ALA A 117 3.96 -17.28 0.07
CA ALA A 117 2.82 -18.03 -0.50
C ALA A 117 3.24 -19.23 -1.35
N ASP A 118 4.40 -19.13 -2.01
CA ASP A 118 4.98 -20.26 -2.74
C ASP A 118 5.63 -21.26 -1.80
N CYS A 119 6.73 -20.85 -1.16
CA CYS A 119 7.62 -21.78 -0.46
C CYS A 119 7.12 -22.31 0.89
N VAL A 120 6.02 -21.77 1.40
CA VAL A 120 5.34 -22.32 2.60
C VAL A 120 3.92 -22.81 2.29
N LEU A 121 3.07 -21.90 1.80
CA LEU A 121 1.63 -22.16 1.66
C LEU A 121 1.27 -23.14 0.53
N ALA A 122 2.11 -23.22 -0.50
CA ALA A 122 1.95 -24.16 -1.62
C ALA A 122 2.99 -25.31 -1.64
N ASN A 123 3.79 -25.42 -0.57
CA ASN A 123 4.98 -26.30 -0.55
C ASN A 123 4.85 -27.36 0.55
N TRP A 124 3.79 -28.15 0.48
CA TRP A 124 3.60 -29.24 1.43
C TRP A 124 2.65 -30.33 0.94
N LYS A 125 2.67 -31.46 1.63
CA LYS A 125 1.79 -32.58 1.35
C LYS A 125 1.50 -33.35 2.64
N LYS A 126 0.42 -34.12 2.61
CA LYS A 126 0.03 -34.99 3.71
C LYS A 126 0.52 -36.38 3.33
N LYS A 127 1.27 -37.03 4.22
CA LYS A 127 1.81 -38.38 3.97
C LYS A 127 0.69 -39.42 3.96
N ASP A 128 -0.01 -39.50 5.10
CA ASP A 128 -1.15 -40.39 5.27
C ASP A 128 -2.41 -39.53 5.47
N PRO A 129 -3.16 -39.22 4.38
CA PRO A 129 -4.32 -38.32 4.41
C PRO A 129 -5.35 -38.48 5.55
N ASN A 130 -5.46 -39.68 6.13
CA ASN A 130 -6.35 -39.92 7.28
C ASN A 130 -5.89 -39.20 8.56
N LYS A 131 -4.60 -39.29 8.89
CA LYS A 131 -4.07 -38.77 10.16
C LYS A 131 -4.05 -37.23 10.25
N PRO A 132 -3.99 -36.66 11.47
CA PRO A 132 -4.02 -35.19 11.61
C PRO A 132 -2.76 -34.46 11.14
N LEU A 133 -2.87 -33.13 11.00
CA LEU A 133 -1.78 -32.29 10.48
C LEU A 133 -0.68 -32.06 11.51
N THR A 134 0.49 -32.64 11.27
CA THR A 134 1.63 -32.51 12.17
C THR A 134 2.96 -32.82 11.44
N TYR A 135 4.07 -32.57 12.13
CA TYR A 135 5.42 -32.70 11.53
C TYR A 135 5.75 -34.13 11.04
N GLU A 136 5.22 -35.14 11.75
CA GLU A 136 5.42 -36.55 11.38
C GLU A 136 4.65 -36.91 10.11
N ASN A 137 3.37 -36.50 10.06
CA ASN A 137 2.47 -36.80 8.95
C ASN A 137 2.60 -35.84 7.74
N MET A 138 3.44 -34.79 7.86
CA MET A 138 3.62 -33.82 6.77
C MET A 138 5.04 -33.87 6.20
N ASP A 139 5.19 -33.31 5.01
CA ASP A 139 6.48 -33.21 4.32
C ASP A 139 6.39 -32.13 3.25
N VAL A 140 7.47 -31.40 3.03
CA VAL A 140 7.52 -30.39 1.96
C VAL A 140 7.65 -31.06 0.61
N LEU A 141 7.24 -30.35 -0.44
CA LEU A 141 7.45 -30.83 -1.81
C LEU A 141 8.90 -30.67 -2.22
N PHE A 142 9.47 -29.49 -1.95
CA PHE A 142 10.80 -29.12 -2.45
C PHE A 142 11.77 -28.68 -1.34
N SER A 143 13.04 -29.07 -1.54
CA SER A 143 14.17 -28.58 -0.76
C SER A 143 15.12 -27.92 -1.73
N PHE A 144 16.12 -27.22 -1.20
CA PHE A 144 17.16 -26.59 -2.02
C PHE A 144 18.44 -27.41 -2.06
N ARG A 145 18.96 -27.75 -0.88
CA ARG A 145 20.18 -28.56 -0.73
C ARG A 145 19.93 -29.67 0.27
N ASP A 146 20.90 -30.59 0.38
CA ASP A 146 20.89 -31.59 1.46
C ASP A 146 21.32 -30.92 2.77
N GLY A 147 20.65 -31.28 3.86
CA GLY A 147 20.92 -30.71 5.18
C GLY A 147 20.71 -29.20 5.30
N ASP A 148 19.74 -28.68 4.55
CA ASP A 148 19.32 -27.27 4.65
C ASP A 148 18.17 -27.08 5.64
N CYS A 149 17.61 -28.19 6.13
CA CYS A 149 16.50 -28.22 7.09
C CYS A 149 15.22 -27.54 6.59
N SER A 150 15.03 -27.51 5.27
CA SER A 150 13.88 -26.84 4.67
C SER A 150 12.55 -27.50 5.07
N LYS A 151 12.57 -28.79 5.39
CA LYS A 151 11.37 -29.48 5.89
C LYS A 151 10.86 -28.79 7.16
N GLY A 152 11.71 -28.75 8.20
CA GLY A 152 11.37 -28.08 9.45
C GLY A 152 11.09 -26.59 9.29
N PHE A 153 12.00 -25.89 8.61
CA PHE A 153 11.92 -24.44 8.43
C PHE A 153 10.60 -23.98 7.80
N PHE A 154 10.24 -24.56 6.66
CA PHE A 154 8.99 -24.19 5.97
C PHE A 154 7.75 -24.68 6.73
N LEU A 155 7.78 -25.90 7.27
CA LEU A 155 6.61 -26.47 7.93
C LEU A 155 6.28 -25.84 9.30
N VAL A 156 7.28 -25.32 10.00
CA VAL A 156 7.03 -24.60 11.25
C VAL A 156 6.17 -23.36 10.98
N HIS A 157 6.46 -22.65 9.89
CA HIS A 157 5.62 -21.53 9.46
C HIS A 157 4.18 -21.97 9.20
N LEU A 158 4.04 -23.06 8.45
CA LEU A 158 2.73 -23.60 8.08
C LEU A 158 1.92 -24.03 9.29
N LEU A 159 2.56 -24.64 10.27
CA LEU A 159 1.89 -25.04 11.50
C LEU A 159 1.49 -23.84 12.37
N VAL A 160 2.30 -22.79 12.37
CA VAL A 160 1.97 -21.56 13.09
C VAL A 160 0.79 -20.82 12.40
N GLU A 161 0.81 -20.77 11.07
CA GLU A 161 -0.33 -20.30 10.28
C GLU A 161 -1.62 -21.00 10.66
N ILE A 162 -1.56 -22.33 10.68
CA ILE A 162 -2.71 -23.17 11.01
C ILE A 162 -3.23 -22.86 12.42
N ALA A 163 -2.32 -22.74 13.39
CA ALA A 163 -2.67 -22.42 14.77
C ALA A 163 -3.33 -21.05 14.89
N ALA A 164 -2.76 -20.08 14.18
CA ALA A 164 -3.26 -18.71 14.16
C ALA A 164 -4.57 -18.59 13.40
N ALA A 165 -4.76 -19.42 12.37
CA ALA A 165 -5.98 -19.39 11.56
C ALA A 165 -7.23 -19.94 12.25
N SER A 166 -7.07 -20.65 13.37
CA SER A 166 -8.19 -20.94 14.27
C SER A 166 -8.89 -19.67 14.74
N ALA A 167 -8.13 -18.58 14.89
CA ALA A 167 -8.69 -17.27 15.24
C ALA A 167 -9.46 -16.62 14.09
N ILE A 168 -9.00 -16.82 12.86
CA ILE A 168 -9.59 -16.16 11.68
C ILE A 168 -11.10 -16.43 11.51
N LYS A 169 -11.55 -17.63 11.86
CA LYS A 169 -12.99 -17.93 11.83
C LYS A 169 -13.81 -17.20 12.92
N VAL A 170 -13.13 -16.71 13.96
CA VAL A 170 -13.76 -15.88 15.02
C VAL A 170 -13.98 -14.41 14.61
N ILE A 171 -13.30 -13.92 13.56
CA ILE A 171 -13.35 -12.50 13.19
C ILE A 171 -14.75 -11.97 12.85
N PRO A 172 -15.53 -12.71 12.04
CA PRO A 172 -16.91 -12.26 11.78
C PRO A 172 -17.76 -12.06 13.05
N THR A 173 -17.53 -12.91 14.06
CA THR A 173 -18.16 -12.74 15.39
C THR A 173 -17.83 -11.39 16.01
N VAL A 174 -16.57 -10.97 15.91
CA VAL A 174 -16.09 -9.74 16.54
C VAL A 174 -16.85 -8.52 16.01
N PHE A 175 -16.92 -8.39 14.69
CA PHE A 175 -17.60 -7.26 14.06
C PHE A 175 -19.12 -7.36 14.16
N LYS A 176 -19.67 -8.57 14.09
CA LYS A 176 -21.09 -8.80 14.34
C LYS A 176 -21.48 -8.41 15.78
N ALA A 177 -20.61 -8.74 16.74
CA ALA A 177 -20.84 -8.39 18.14
C ALA A 177 -20.82 -6.88 18.39
N MET A 178 -19.90 -6.18 17.73
CA MET A 178 -19.82 -4.71 17.82
C MET A 178 -21.04 -4.03 17.20
N GLN A 179 -21.40 -4.48 16.00
CA GLN A 179 -22.55 -3.96 15.25
C GLN A 179 -23.86 -4.15 16.02
N MET A 180 -24.05 -5.34 16.58
CA MET A 180 -25.26 -5.68 17.37
C MET A 180 -25.18 -5.29 18.86
N GLN A 181 -24.12 -4.61 19.28
CA GLN A 181 -23.92 -4.19 20.68
C GLN A 181 -24.09 -5.36 21.65
N GLU A 182 -23.41 -6.47 21.34
CA GLU A 182 -23.41 -7.67 22.18
C GLU A 182 -22.05 -7.76 22.86
N ARG A 183 -21.99 -7.27 24.10
CA ARG A 183 -20.73 -7.15 24.85
C ARG A 183 -20.12 -8.51 25.22
N ASP A 184 -20.93 -9.41 25.80
CA ASP A 184 -20.44 -10.72 26.26
C ASP A 184 -19.90 -11.60 25.14
N THR A 185 -20.54 -11.54 23.97
CA THR A 185 -20.07 -12.26 22.78
C THR A 185 -18.71 -11.73 22.35
N LEU A 186 -18.60 -10.41 22.22
CA LEU A 186 -17.34 -9.74 21.90
C LEU A 186 -16.21 -10.05 22.90
N LEU A 187 -16.54 -10.15 24.19
CA LEU A 187 -15.54 -10.49 25.20
C LEU A 187 -15.05 -11.92 24.98
N LYS A 188 -15.99 -12.86 24.85
CA LYS A 188 -15.69 -14.27 24.60
C LYS A 188 -14.83 -14.46 23.34
N ALA A 189 -15.24 -13.79 22.26
CA ALA A 189 -14.57 -13.89 20.96
C ALA A 189 -13.12 -13.41 21.01
N LEU A 190 -12.89 -12.29 21.68
CA LEU A 190 -11.53 -11.74 21.82
C LEU A 190 -10.63 -12.67 22.61
N LEU A 191 -11.14 -13.25 23.69
CA LEU A 191 -10.36 -14.22 24.49
C LEU A 191 -10.02 -15.48 23.68
N GLU A 192 -10.90 -15.91 22.78
CA GLU A 192 -10.63 -17.04 21.90
C GLU A 192 -9.52 -16.72 20.89
N ILE A 193 -9.51 -15.49 20.36
CA ILE A 193 -8.46 -15.05 19.44
C ILE A 193 -7.12 -14.98 20.18
N ALA A 194 -7.14 -14.51 21.43
CA ALA A 194 -5.94 -14.51 22.28
C ALA A 194 -5.47 -15.94 22.55
N SER A 195 -6.42 -16.82 22.87
CA SER A 195 -6.12 -18.24 23.10
C SER A 195 -5.44 -18.90 21.89
N CYS A 196 -5.91 -18.58 20.69
CA CYS A 196 -5.29 -19.08 19.45
C CYS A 196 -3.86 -18.55 19.23
N LEU A 197 -3.63 -17.27 19.50
CA LEU A 197 -2.30 -16.67 19.38
C LEU A 197 -1.29 -17.21 20.43
N GLU A 198 -1.78 -17.52 21.63
CA GLU A 198 -0.95 -18.18 22.66
C GLU A 198 -0.55 -19.59 22.20
N LYS A 199 -1.49 -20.33 21.64
CA LYS A 199 -1.23 -21.66 21.09
C LYS A 199 -0.31 -21.64 19.84
N ALA A 200 -0.36 -20.55 19.07
CA ALA A 200 0.56 -20.33 17.97
C ALA A 200 2.01 -20.15 18.44
N LEU A 201 2.17 -19.50 19.60
CA LEU A 201 3.49 -19.34 20.22
C LEU A 201 4.09 -20.69 20.64
N GLN A 202 3.26 -21.59 21.17
CA GLN A 202 3.71 -22.94 21.55
C GLN A 202 4.15 -23.73 20.33
N VAL A 203 3.43 -23.58 19.22
CA VAL A 203 3.78 -24.24 17.95
C VAL A 203 5.10 -23.68 17.39
N PHE A 204 5.38 -22.42 17.64
CA PHE A 204 6.65 -21.77 17.26
C PHE A 204 7.85 -22.51 17.89
N HIS A 205 7.75 -22.87 19.18
CA HIS A 205 8.86 -23.46 19.95
C HIS A 205 9.64 -24.58 19.24
N GLN A 206 8.94 -25.42 18.47
CA GLN A 206 9.57 -26.55 17.78
C GLN A 206 10.59 -26.23 16.68
N ILE A 207 10.73 -24.95 16.31
CA ILE A 207 11.76 -24.54 15.33
C ILE A 207 13.18 -24.95 15.77
N HIS A 208 13.42 -24.94 17.09
CA HIS A 208 14.70 -25.37 17.65
C HIS A 208 15.01 -26.84 17.33
N ASP A 209 13.98 -27.69 17.42
CA ASP A 209 14.11 -29.12 17.17
C ASP A 209 14.40 -29.46 15.69
N HIS A 210 13.64 -28.85 14.78
CA HIS A 210 13.66 -29.22 13.35
C HIS A 210 14.55 -28.36 12.44
N VAL A 211 15.22 -27.35 13.00
CA VAL A 211 16.07 -26.43 12.20
C VAL A 211 17.37 -26.12 12.94
N ASN A 212 18.51 -26.40 12.29
CA ASN A 212 19.83 -26.10 12.83
C ASN A 212 20.24 -24.67 12.41
N PRO A 213 20.76 -23.86 13.36
CA PRO A 213 21.21 -22.48 13.07
C PRO A 213 22.20 -22.33 11.91
N LYS A 214 23.27 -23.11 11.92
CA LYS A 214 24.33 -23.02 10.90
C LYS A 214 23.81 -23.43 9.52
N ALA A 215 23.07 -24.54 9.49
CA ALA A 215 22.37 -25.01 8.28
C ALA A 215 21.51 -23.91 7.67
N PHE A 216 20.70 -23.27 8.51
CA PHE A 216 19.83 -22.19 8.07
C PHE A 216 20.61 -20.99 7.52
N PHE A 217 21.51 -20.44 8.35
CA PHE A 217 22.20 -19.19 8.01
C PHE A 217 23.11 -19.29 6.78
N SER A 218 23.88 -20.37 6.69
CA SER A 218 24.90 -20.55 5.65
C SER A 218 24.37 -21.23 4.36
N VAL A 219 23.52 -22.25 4.51
CA VAL A 219 22.98 -23.01 3.35
C VAL A 219 21.64 -22.44 2.81
N LEU A 220 20.58 -22.49 3.61
CA LEU A 220 19.21 -22.17 3.16
C LEU A 220 18.94 -20.68 2.92
N ARG A 221 19.38 -19.84 3.84
CA ARG A 221 19.09 -18.40 3.84
C ARG A 221 19.47 -17.66 2.54
N ILE A 222 20.52 -18.13 1.87
CA ILE A 222 20.95 -17.52 0.61
C ILE A 222 19.98 -17.81 -0.55
N TYR A 223 19.26 -18.93 -0.50
CA TYR A 223 18.25 -19.26 -1.53
C TYR A 223 16.90 -18.54 -1.36
N LEU A 224 16.61 -18.12 -0.12
CA LEU A 224 15.43 -17.29 0.17
C LEU A 224 15.69 -15.80 -0.07
N SER A 225 16.96 -15.43 -0.27
CA SER A 225 17.35 -14.03 -0.55
C SER A 225 16.83 -13.56 -1.91
N GLY A 226 16.67 -12.26 -2.05
CA GLY A 226 16.19 -11.62 -3.28
C GLY A 226 17.18 -10.61 -3.80
N TRP A 227 16.68 -9.67 -4.59
CA TRP A 227 17.55 -8.70 -5.27
C TRP A 227 16.89 -7.32 -5.35
N LYS A 228 16.57 -6.78 -4.17
CA LYS A 228 16.14 -5.39 -4.00
C LYS A 228 17.01 -4.82 -2.90
N GLY A 229 17.82 -3.82 -3.25
CA GLY A 229 18.85 -3.31 -2.34
C GLY A 229 19.76 -4.43 -1.86
N ASN A 230 20.27 -5.21 -2.80
CA ASN A 230 21.22 -6.29 -2.53
C ASN A 230 22.53 -5.96 -3.27
N PRO A 231 23.65 -5.83 -2.54
CA PRO A 231 24.97 -5.58 -3.18
C PRO A 231 25.36 -6.55 -4.32
N GLN A 232 25.00 -7.83 -4.20
CA GLN A 232 25.32 -8.84 -5.22
C GLN A 232 24.63 -8.62 -6.59
N LEU A 233 23.44 -8.02 -6.59
CA LEU A 233 22.72 -7.68 -7.82
C LEU A 233 22.10 -6.28 -7.71
N SER A 234 22.96 -5.29 -7.43
CA SER A 234 22.51 -3.92 -7.07
C SER A 234 21.56 -3.26 -8.07
N ASP A 235 21.80 -3.48 -9.35
CA ASP A 235 20.88 -3.00 -10.39
C ASP A 235 19.61 -3.86 -10.44
N GLY A 236 19.77 -5.16 -10.22
CA GLY A 236 18.65 -6.11 -10.14
C GLY A 236 18.80 -7.27 -11.10
N LEU A 237 17.84 -8.18 -11.10
CA LEU A 237 17.83 -9.32 -12.00
C LEU A 237 17.23 -8.92 -13.35
N VAL A 238 17.83 -9.43 -14.44
CA VAL A 238 17.35 -9.17 -15.80
C VAL A 238 16.50 -10.35 -16.27
N TYR A 239 15.22 -10.10 -16.53
CA TYR A 239 14.32 -11.11 -17.08
C TYR A 239 14.35 -10.96 -18.60
N GLU A 240 15.14 -11.83 -19.24
CA GLU A 240 15.46 -11.72 -20.67
C GLU A 240 14.25 -12.05 -21.52
N GLY A 241 14.02 -11.25 -22.57
CA GLY A 241 12.85 -11.40 -23.43
C GLY A 241 11.67 -10.59 -22.93
N PHE A 242 11.29 -10.82 -21.67
CA PHE A 242 10.14 -10.16 -21.06
C PHE A 242 10.39 -8.67 -20.75
N TRP A 243 11.49 -8.37 -20.05
CA TRP A 243 11.81 -6.98 -19.66
C TRP A 243 13.09 -6.41 -20.26
N GLU A 244 13.00 -5.13 -20.60
CA GLU A 244 14.08 -4.35 -21.19
C GLU A 244 15.29 -4.16 -20.26
N ASP A 245 15.01 -3.88 -18.98
CA ASP A 245 16.03 -3.51 -18.00
C ASP A 245 16.09 -4.52 -16.85
N PRO A 246 17.08 -4.35 -15.94
CA PRO A 246 17.03 -5.08 -14.67
C PRO A 246 15.89 -4.59 -13.77
N LYS A 247 15.31 -5.51 -12.99
CA LYS A 247 14.18 -5.20 -12.11
C LYS A 247 14.43 -5.71 -10.69
N GLU A 248 14.31 -4.82 -9.70
CA GLU A 248 14.49 -5.19 -8.29
C GLU A 248 13.20 -5.78 -7.71
N PHE A 249 13.33 -6.91 -7.00
CA PHE A 249 12.22 -7.51 -6.26
C PHE A 249 12.75 -8.08 -4.95
N ALA A 250 12.08 -7.74 -3.84
CA ALA A 250 12.49 -8.15 -2.50
C ALA A 250 12.46 -9.66 -2.32
N GLY A 251 13.37 -10.18 -1.49
CA GLY A 251 13.43 -11.60 -1.18
C GLY A 251 12.31 -12.04 -0.28
N GLY A 252 12.22 -13.34 -0.06
CA GLY A 252 11.15 -13.93 0.74
C GLY A 252 11.26 -13.65 2.22
N SER A 253 10.12 -13.56 2.90
CA SER A 253 10.06 -13.40 4.36
C SER A 253 8.65 -13.72 4.84
N ALA A 254 8.54 -14.19 6.08
CA ALA A 254 7.23 -14.33 6.74
C ALA A 254 6.45 -13.02 6.88
N GLY A 255 7.13 -11.87 6.76
CA GLY A 255 6.44 -10.58 6.56
C GLY A 255 5.47 -10.55 5.38
N GLN A 256 5.64 -11.48 4.44
CA GLN A 256 4.71 -11.70 3.32
C GLN A 256 3.50 -12.58 3.68
N SER A 257 3.35 -12.96 4.93
CA SER A 257 2.18 -13.73 5.37
C SER A 257 1.03 -12.82 5.79
N SER A 258 -0.18 -13.21 5.43
CA SER A 258 -1.37 -12.42 5.74
C SER A 258 -1.85 -12.63 7.17
N VAL A 259 -1.75 -13.86 7.67
CA VAL A 259 -2.04 -14.17 9.07
C VAL A 259 -1.30 -13.21 9.98
N PHE A 260 0.00 -13.06 9.71
CA PHE A 260 0.88 -12.35 10.63
C PHE A 260 0.76 -10.83 10.54
N GLN A 261 0.05 -10.34 9.52
CA GLN A 261 -0.35 -8.93 9.41
C GLN A 261 -1.79 -8.64 9.80
N CYS A 262 -2.67 -9.64 9.73
CA CYS A 262 -4.10 -9.39 9.92
C CYS A 262 -4.49 -9.07 11.36
N PHE A 263 -3.79 -9.62 12.34
CA PHE A 263 -4.10 -9.33 13.74
C PHE A 263 -3.72 -7.92 14.17
N ASP A 264 -2.69 -7.35 13.56
CA ASP A 264 -2.40 -5.92 13.73
C ASP A 264 -3.52 -5.03 13.19
N VAL A 265 -4.05 -5.40 12.02
CA VAL A 265 -5.17 -4.68 11.40
C VAL A 265 -6.44 -4.86 12.22
N LEU A 266 -6.73 -6.10 12.62
CA LEU A 266 -7.90 -6.41 13.47
C LEU A 266 -7.93 -5.57 14.72
N LEU A 267 -6.83 -5.57 15.45
CA LEU A 267 -6.73 -4.94 16.77
C LEU A 267 -6.47 -3.43 16.72
N GLY A 268 -6.32 -2.87 15.52
CA GLY A 268 -6.10 -1.44 15.38
C GLY A 268 -4.69 -1.01 15.74
N ILE A 269 -3.74 -1.94 15.67
CA ILE A 269 -2.32 -1.64 15.84
C ILE A 269 -1.89 -1.16 14.46
N GLN A 270 -1.53 0.12 14.35
CA GLN A 270 -1.31 0.73 13.03
C GLN A 270 0.16 0.61 12.62
N GLN A 271 0.54 -0.61 12.21
CA GLN A 271 1.91 -0.91 11.77
C GLN A 271 2.23 -0.23 10.45
N THR A 272 1.24 -0.21 9.55
CA THR A 272 1.38 0.39 8.21
C THR A 272 1.17 1.92 8.16
N ALA A 273 0.81 2.55 9.28
CA ALA A 273 0.71 4.02 9.36
C ALA A 273 2.05 4.66 9.75
N GLY A 274 2.23 5.93 9.39
CA GLY A 274 3.37 6.75 9.84
C GLY A 274 4.42 7.14 8.81
N GLY A 275 4.55 6.36 7.74
CA GLY A 275 5.51 6.64 6.68
C GLY A 275 6.98 6.39 6.98
N GLY A 276 7.27 5.69 8.10
CA GLY A 276 8.64 5.28 8.42
C GLY A 276 9.01 4.01 7.65
N HIS A 277 10.25 3.56 7.80
CA HIS A 277 10.79 2.44 7.00
C HIS A 277 10.12 1.07 7.25
N ALA A 278 9.64 0.85 8.47
CA ALA A 278 8.98 -0.41 8.84
C ALA A 278 7.58 -0.51 8.22
N ALA A 279 6.78 0.53 8.43
CA ALA A 279 5.44 0.64 7.84
C ALA A 279 5.46 0.52 6.32
N GLN A 280 6.47 1.11 5.70
CA GLN A 280 6.64 1.02 4.26
C GLN A 280 6.89 -0.42 3.80
N PHE A 281 7.73 -1.15 4.54
CA PHE A 281 7.99 -2.56 4.24
C PHE A 281 6.74 -3.43 4.38
N LEU A 282 6.06 -3.33 5.51
CA LEU A 282 4.88 -4.16 5.76
C LEU A 282 3.78 -3.92 4.74
N GLN A 283 3.63 -2.67 4.28
CA GLN A 283 2.68 -2.32 3.23
C GLN A 283 3.12 -2.88 1.89
N ASP A 284 4.36 -2.57 1.51
CA ASP A 284 4.94 -3.05 0.23
C ASP A 284 4.87 -4.56 0.07
N MET A 285 5.04 -5.30 1.17
CA MET A 285 4.96 -6.76 1.17
C MET A 285 3.57 -7.34 0.88
N ARG A 286 2.52 -6.52 0.95
CA ARG A 286 1.18 -6.96 0.55
C ARG A 286 1.04 -7.18 -0.97
N ARG A 287 1.92 -6.53 -1.76
CA ARG A 287 2.02 -6.78 -3.20
C ARG A 287 2.80 -8.07 -3.53
N TYR A 288 3.40 -8.69 -2.50
CA TYR A 288 4.02 -10.01 -2.61
C TYR A 288 3.11 -11.13 -2.04
N MET A 289 1.83 -10.80 -1.81
CA MET A 289 0.80 -11.76 -1.40
C MET A 289 -0.18 -11.96 -2.57
N PRO A 290 -0.78 -13.16 -2.68
CA PRO A 290 -1.79 -13.35 -3.72
C PRO A 290 -3.02 -12.49 -3.44
N PRO A 291 -3.67 -11.98 -4.51
CA PRO A 291 -4.70 -10.92 -4.39
C PRO A 291 -5.82 -11.20 -3.39
N ALA A 292 -6.26 -12.46 -3.27
CA ALA A 292 -7.30 -12.85 -2.30
C ALA A 292 -6.93 -12.52 -0.86
N HIS A 293 -5.65 -12.67 -0.53
CA HIS A 293 -5.13 -12.37 0.81
C HIS A 293 -4.99 -10.87 1.04
N ARG A 294 -4.51 -10.18 0.01
CA ARG A 294 -4.46 -8.72 -0.03
C ARG A 294 -5.85 -8.11 0.22
N ASN A 295 -6.87 -8.71 -0.40
CA ASN A 295 -8.27 -8.30 -0.20
C ASN A 295 -8.77 -8.58 1.21
N PHE A 296 -8.34 -9.68 1.82
CA PHE A 296 -8.72 -9.99 3.20
C PHE A 296 -8.26 -8.89 4.15
N LEU A 297 -7.01 -8.47 4.02
CA LEU A 297 -6.44 -7.41 4.86
C LEU A 297 -7.17 -6.09 4.62
N CYS A 298 -7.46 -5.84 3.35
CA CYS A 298 -8.30 -4.72 2.93
C CYS A 298 -9.70 -4.69 3.57
N SER A 299 -10.44 -5.78 3.39
CA SER A 299 -11.78 -5.93 3.97
C SER A 299 -11.76 -5.64 5.48
N LEU A 300 -10.76 -6.22 6.14
CA LEU A 300 -10.56 -6.12 7.58
C LEU A 300 -10.26 -4.68 8.01
N GLU A 301 -9.46 -3.98 7.21
CA GLU A 301 -9.12 -2.56 7.43
C GLU A 301 -10.35 -1.66 7.29
N SER A 302 -11.22 -1.97 6.33
CA SER A 302 -12.42 -1.18 6.07
C SER A 302 -13.50 -1.27 7.16
N ASN A 303 -13.43 -2.29 8.03
CA ASN A 303 -14.35 -2.41 9.16
C ASN A 303 -14.13 -1.36 10.25
N PRO A 304 -15.14 -1.12 11.10
CA PRO A 304 -14.95 -0.21 12.25
C PRO A 304 -13.92 -0.76 13.26
N SER A 305 -13.23 0.15 13.94
CA SER A 305 -12.11 -0.22 14.82
C SER A 305 -12.57 -0.93 16.09
N VAL A 306 -12.02 -2.12 16.31
CA VAL A 306 -12.25 -2.87 17.55
C VAL A 306 -11.65 -2.09 18.71
N ARG A 307 -10.47 -1.52 18.51
CA ARG A 307 -9.80 -0.70 19.51
C ARG A 307 -10.66 0.47 19.99
N GLU A 308 -11.17 1.24 19.03
CA GLU A 308 -12.03 2.38 19.33
C GLU A 308 -13.30 1.95 20.08
N PHE A 309 -13.88 0.83 19.67
CA PHE A 309 -15.05 0.26 20.34
C PHE A 309 -14.78 -0.04 21.80
N VAL A 310 -13.67 -0.73 22.07
CA VAL A 310 -13.33 -1.22 23.41
C VAL A 310 -13.02 -0.07 24.37
N LEU A 311 -12.22 0.90 23.91
CA LEU A 311 -11.93 2.10 24.71
C LEU A 311 -13.17 2.92 25.09
N SER A 312 -14.17 2.95 24.21
CA SER A 312 -15.37 3.75 24.42
C SER A 312 -16.26 3.29 25.58
N LYS A 313 -16.21 2.00 25.95
CA LYS A 313 -17.22 1.39 26.86
C LYS A 313 -16.93 1.42 28.36
N GLY A 314 -15.69 1.76 28.76
CA GLY A 314 -15.34 1.85 30.18
C GLY A 314 -15.54 0.53 30.91
N ASP A 315 -14.96 -0.52 30.33
CA ASP A 315 -15.27 -1.91 30.64
C ASP A 315 -13.96 -2.66 30.83
N ALA A 316 -13.71 -3.15 32.05
CA ALA A 316 -12.43 -3.73 32.40
C ALA A 316 -12.22 -5.10 31.76
N GLY A 317 -13.22 -5.97 31.87
CA GLY A 317 -13.18 -7.29 31.25
C GLY A 317 -13.03 -7.26 29.73
N LEU A 318 -13.59 -6.22 29.09
CA LEU A 318 -13.47 -6.03 27.65
C LEU A 318 -12.08 -5.52 27.28
N ARG A 319 -11.56 -4.56 28.06
CA ARG A 319 -10.18 -4.05 27.91
C ARG A 319 -9.12 -5.15 28.11
N GLU A 320 -9.33 -5.99 29.11
CA GLU A 320 -8.42 -7.09 29.44
C GLU A 320 -8.40 -8.14 28.34
N ALA A 321 -9.57 -8.45 27.79
CA ALA A 321 -9.70 -9.39 26.67
C ALA A 321 -8.95 -8.88 25.45
N TYR A 322 -9.16 -7.60 25.14
CA TYR A 322 -8.41 -6.92 24.09
C TYR A 322 -6.89 -6.98 24.35
N ASP A 323 -6.47 -6.69 25.58
CA ASP A 323 -5.05 -6.72 25.95
C ASP A 323 -4.44 -8.10 25.85
N ALA A 324 -5.22 -9.15 26.11
CA ALA A 324 -4.76 -10.52 25.95
C ALA A 324 -4.24 -10.74 24.53
N CYS A 325 -4.99 -10.26 23.55
CA CYS A 325 -4.59 -10.37 22.14
C CYS A 325 -3.33 -9.58 21.82
N VAL A 326 -3.21 -8.37 22.36
CA VAL A 326 -2.04 -7.51 22.11
C VAL A 326 -0.80 -8.12 22.78
N LYS A 327 -0.95 -8.55 24.03
CA LYS A 327 0.10 -9.28 24.76
C LYS A 327 0.62 -10.50 23.98
N ALA A 328 -0.31 -11.30 23.45
CA ALA A 328 0.04 -12.48 22.68
C ALA A 328 0.88 -12.15 21.45
N LEU A 329 0.53 -11.06 20.76
CA LEU A 329 1.32 -10.58 19.63
C LEU A 329 2.69 -10.09 20.09
N VAL A 330 2.75 -9.39 21.22
CA VAL A 330 4.04 -8.95 21.77
C VAL A 330 4.92 -10.16 22.16
N SER A 331 4.30 -11.20 22.73
CA SER A 331 5.02 -12.43 23.09
C SER A 331 5.62 -13.13 21.87
N LEU A 332 4.83 -13.24 20.81
CA LEU A 332 5.29 -13.81 19.54
C LEU A 332 6.47 -13.06 18.95
N ARG A 333 6.41 -11.72 18.99
CA ARG A 333 7.46 -10.87 18.41
C ARG A 333 8.74 -10.87 19.25
N SER A 334 8.55 -10.95 20.57
CA SER A 334 9.67 -11.08 21.51
C SER A 334 10.40 -12.40 21.33
N TYR A 335 9.64 -13.48 21.14
CA TYR A 335 10.21 -14.80 20.85
C TYR A 335 10.87 -14.84 19.49
N HIS A 336 10.26 -14.20 18.51
CA HIS A 336 10.82 -14.12 17.16
C HIS A 336 12.18 -13.41 17.17
N LEU A 337 12.33 -12.41 18.04
CA LEU A 337 13.63 -11.74 18.23
C LEU A 337 14.69 -12.68 18.82
N GLN A 338 14.27 -13.55 19.73
CA GLN A 338 15.15 -14.61 20.27
C GLN A 338 15.54 -15.61 19.18
N ILE A 339 14.59 -15.97 18.32
CA ILE A 339 14.87 -16.80 17.15
C ILE A 339 15.87 -16.10 16.23
N VAL A 340 15.71 -14.79 16.02
CA VAL A 340 16.64 -14.01 15.19
C VAL A 340 18.05 -14.04 15.79
N THR A 341 18.14 -13.92 17.12
CA THR A 341 19.43 -13.95 17.81
C THR A 341 20.16 -15.29 17.60
N LYS A 342 19.43 -16.40 17.74
CA LYS A 342 19.99 -17.75 17.56
C LYS A 342 20.27 -18.11 16.10
N TYR A 343 19.37 -17.73 15.19
CA TYR A 343 19.46 -18.15 13.78
C TYR A 343 20.11 -17.14 12.83
N ILE A 344 20.34 -15.89 13.25
CA ILE A 344 21.06 -14.92 12.41
C ILE A 344 22.26 -14.29 13.12
N LEU A 345 22.00 -13.56 14.20
CA LEU A 345 23.05 -12.74 14.84
C LEU A 345 24.28 -13.53 15.25
N ILE A 346 24.08 -14.67 15.92
CA ILE A 346 25.18 -15.53 16.38
C ILE A 346 25.90 -16.21 15.20
N PRO A 347 25.17 -16.90 14.30
CA PRO A 347 25.78 -17.39 13.06
C PRO A 347 26.59 -16.36 12.27
N ALA A 348 26.08 -15.13 12.12
CA ALA A 348 26.79 -14.06 11.43
C ALA A 348 28.10 -13.68 12.14
N SER A 349 28.10 -13.75 13.47
CA SER A 349 29.27 -13.42 14.27
C SER A 349 30.39 -14.46 14.20
N GLN A 350 30.08 -15.69 13.79
CA GLN A 350 31.08 -16.75 13.55
C GLN A 350 31.42 -16.86 12.06
N GLN A 351 31.69 -15.72 11.41
CA GLN A 351 31.85 -15.64 9.95
C GLN A 351 33.16 -14.90 9.57
N PRO A 352 34.20 -15.64 9.15
CA PRO A 352 35.48 -14.99 8.82
C PRO A 352 35.46 -14.34 7.44
N LEU A 364 27.26 -1.59 7.77
CA LEU A 364 27.00 -1.36 9.18
C LEU A 364 25.81 -2.17 9.68
N GLU A 365 24.63 -1.92 9.10
CA GLU A 365 23.37 -2.54 9.53
C GLU A 365 23.14 -3.92 8.89
N ALA A 366 22.79 -4.92 9.70
CA ALA A 366 22.50 -6.28 9.21
C ALA A 366 21.16 -6.31 8.46
N LYS A 367 21.17 -6.90 7.27
CA LYS A 367 20.00 -6.91 6.38
C LYS A 367 19.29 -8.27 6.39
N GLY A 368 17.96 -8.23 6.44
CA GLY A 368 17.14 -9.44 6.27
C GLY A 368 17.02 -9.82 4.80
N THR A 369 16.43 -10.99 4.55
CA THR A 369 16.18 -11.46 3.17
C THR A 369 15.20 -10.55 2.43
N GLY A 370 14.20 -10.04 3.17
CA GLY A 370 13.24 -9.07 2.63
C GLY A 370 13.79 -7.67 2.37
N GLY A 371 14.91 -7.33 3.03
CA GLY A 371 15.62 -6.07 2.81
C GLY A 371 15.58 -5.08 3.97
N THR A 372 14.87 -5.41 5.04
CA THR A 372 14.75 -4.51 6.20
C THR A 372 16.04 -4.46 7.01
N ASP A 373 16.27 -3.32 7.68
CA ASP A 373 17.28 -3.24 8.74
C ASP A 373 16.69 -4.00 9.93
N LEU A 374 16.99 -5.29 9.99
CA LEU A 374 16.18 -6.26 10.75
C LEU A 374 16.02 -5.99 12.25
N MET A 375 17.06 -5.51 12.91
CA MET A 375 17.01 -5.28 14.35
C MET A 375 16.22 -4.02 14.70
N ASN A 376 16.41 -2.94 13.93
CA ASN A 376 15.59 -1.74 14.10
C ASN A 376 14.16 -2.04 13.66
N PHE A 377 14.02 -2.64 12.48
CA PHE A 377 12.71 -3.03 11.96
C PHE A 377 11.88 -3.84 12.96
N LEU A 378 12.39 -4.99 13.37
CA LEU A 378 11.63 -5.89 14.24
C LEU A 378 11.27 -5.25 15.59
N LYS A 379 12.20 -4.49 16.17
CA LYS A 379 11.97 -3.84 17.47
C LYS A 379 11.01 -2.67 17.38
N THR A 380 11.04 -1.93 16.27
CA THR A 380 10.01 -0.93 15.96
C THR A 380 8.62 -1.57 15.90
N VAL A 381 8.50 -2.67 15.16
CA VAL A 381 7.24 -3.38 15.02
C VAL A 381 6.74 -3.93 16.37
N ARG A 382 7.65 -4.45 17.20
CA ARG A 382 7.28 -4.88 18.56
C ARG A 382 6.91 -3.69 19.44
N SER A 383 7.66 -2.59 19.32
CA SER A 383 7.41 -1.37 20.09
C SER A 383 5.99 -0.84 19.84
N THR A 384 5.68 -0.65 18.55
CA THR A 384 4.34 -0.25 18.08
C THR A 384 3.21 -1.16 18.62
N THR A 385 3.48 -2.46 18.74
CA THR A 385 2.52 -3.40 19.33
C THR A 385 2.31 -3.14 20.82
N GLU A 386 3.41 -2.92 21.56
CA GLU A 386 3.34 -2.63 22.99
C GLU A 386 2.60 -1.33 23.31
N LYS A 387 2.86 -0.29 22.51
CA LYS A 387 2.16 1.00 22.66
C LYS A 387 0.64 0.91 22.55
N SER A 388 0.14 -0.14 21.92
CA SER A 388 -1.30 -0.37 21.78
C SER A 388 -1.95 -1.17 22.92
N LEU A 389 -1.20 -1.47 23.99
CA LEU A 389 -1.79 -2.03 25.22
C LEU A 389 -2.63 -0.95 25.88
N LEU A 390 -3.89 -1.28 26.20
CA LEU A 390 -4.81 -0.30 26.77
C LEU A 390 -4.49 0.05 28.22
N LYS A 391 -4.47 -0.95 29.09
CA LYS A 391 -4.26 -0.78 30.54
C LYS A 391 -5.25 0.22 31.16
N GLU A 392 -6.47 -0.26 31.42
CA GLU A 392 -7.52 0.52 32.09
C GLU A 392 -7.83 1.94 31.54
N GLY A 393 -7.78 2.10 30.21
CA GLY A 393 -8.32 3.29 29.53
C GLY A 393 -7.57 4.59 29.73
N TYR B 5 -18.76 4.50 1.26
CA TYR B 5 -17.35 4.87 1.61
C TYR B 5 -17.19 6.41 1.61
N HIS B 6 -18.11 7.09 2.29
CA HIS B 6 -18.19 8.56 2.30
C HIS B 6 -18.30 9.08 0.85
N ILE B 7 -19.40 8.71 0.20
CA ILE B 7 -19.61 8.91 -1.24
C ILE B 7 -20.96 9.59 -1.53
N ASP B 8 -20.94 10.93 -1.55
CA ASP B 8 -22.14 11.72 -1.90
C ASP B 8 -22.35 11.68 -3.42
N GLU B 9 -23.61 11.78 -3.84
CA GLU B 9 -23.96 11.88 -5.26
C GLU B 9 -23.74 13.29 -5.80
N GLU B 10 -24.17 14.29 -5.03
CA GLU B 10 -24.09 15.70 -5.44
C GLU B 10 -22.65 16.24 -5.50
N VAL B 11 -21.98 16.27 -4.35
CA VAL B 11 -20.56 16.70 -4.28
C VAL B 11 -19.63 15.55 -4.72
N GLY B 12 -18.31 15.78 -4.65
CA GLY B 12 -17.32 14.82 -5.14
C GLY B 12 -17.11 13.61 -4.24
N PHE B 13 -15.86 13.22 -4.08
CA PHE B 13 -15.43 12.37 -2.98
C PHE B 13 -14.74 13.37 -2.07
N ALA B 14 -15.57 14.20 -1.45
CA ALA B 14 -15.14 15.38 -0.70
C ALA B 14 -15.99 15.47 0.59
N LEU B 15 -16.04 16.66 1.19
CA LEU B 15 -16.97 16.93 2.29
C LEU B 15 -18.19 17.69 1.73
N PRO B 16 -19.41 17.12 1.88
CA PRO B 16 -20.65 17.86 1.54
C PRO B 16 -20.84 19.09 2.46
N ASN B 17 -20.48 20.26 1.94
CA ASN B 17 -20.40 21.51 2.72
C ASN B 17 -19.40 21.42 3.87
N PRO B 18 -18.13 21.79 3.64
CA PRO B 18 -17.12 21.84 4.71
C PRO B 18 -17.42 22.89 5.78
N GLN B 19 -16.89 22.67 6.98
CA GLN B 19 -17.03 23.64 8.06
C GLN B 19 -16.10 24.82 7.83
N GLU B 20 -16.59 26.02 8.12
CA GLU B 20 -15.84 27.26 7.88
C GLU B 20 -15.18 27.84 9.13
N ASN B 21 -15.78 27.59 10.30
CA ASN B 21 -15.33 28.19 11.57
C ASN B 21 -15.07 27.12 12.62
N LEU B 22 -13.97 27.25 13.36
CA LEU B 22 -13.69 26.40 14.52
C LEU B 22 -14.35 27.00 15.75
N PRO B 23 -14.39 26.24 16.88
CA PRO B 23 -14.75 26.84 18.16
C PRO B 23 -13.88 28.05 18.54
N ASP B 24 -14.37 28.84 19.50
CA ASP B 24 -13.67 30.03 19.99
C ASP B 24 -12.34 29.69 20.66
N PHE B 25 -12.25 28.48 21.23
CA PHE B 25 -10.99 27.94 21.79
C PHE B 25 -9.80 28.05 20.82
N TYR B 26 -10.04 27.85 19.51
CA TYR B 26 -8.98 27.82 18.50
C TYR B 26 -8.81 29.10 17.65
N ASN B 27 -9.31 30.23 18.13
CA ASN B 27 -9.20 31.48 17.36
C ASN B 27 -7.76 31.83 16.99
N ASP B 28 -6.81 31.57 17.89
CA ASP B 28 -5.39 31.82 17.62
C ASP B 28 -4.83 31.06 16.41
N TRP B 29 -5.36 29.87 16.14
CA TRP B 29 -5.01 29.15 14.92
C TRP B 29 -5.69 29.82 13.74
N MET B 30 -7.00 30.01 13.90
CA MET B 30 -7.87 30.51 12.83
C MET B 30 -7.50 31.93 12.38
N PHE B 31 -6.97 32.75 13.28
CA PHE B 31 -6.41 34.05 12.90
C PHE B 31 -5.23 33.89 11.92
N ILE B 32 -4.26 33.08 12.31
CA ILE B 32 -3.02 32.91 11.52
C ILE B 32 -3.32 32.33 10.13
N ALA B 33 -4.21 31.36 10.05
CA ALA B 33 -4.59 30.74 8.78
C ALA B 33 -5.32 31.71 7.85
N LYS B 34 -6.32 32.40 8.39
CA LYS B 34 -7.08 33.43 7.65
C LYS B 34 -6.17 34.51 7.05
N HIS B 35 -5.18 34.95 7.83
CA HIS B 35 -4.31 36.05 7.44
C HIS B 35 -2.88 35.60 7.12
N LEU B 36 -2.74 34.41 6.52
CA LEU B 36 -1.45 33.93 6.05
C LEU B 36 -0.77 34.87 5.06
N PRO B 37 -1.46 35.29 3.99
CA PRO B 37 -0.80 36.18 3.03
C PRO B 37 -0.33 37.51 3.62
N ASP B 38 -1.02 37.99 4.66
CA ASP B 38 -0.72 39.27 5.29
C ASP B 38 0.46 39.14 6.24
N LEU B 39 0.45 38.08 7.05
CA LEU B 39 1.53 37.79 7.99
C LEU B 39 2.84 37.41 7.28
N ILE B 40 2.74 36.60 6.22
CA ILE B 40 3.92 36.24 5.43
C ILE B 40 4.53 37.51 4.80
N GLU B 41 3.69 38.35 4.22
CA GLU B 41 4.15 39.56 3.52
C GLU B 41 4.79 40.60 4.46
N SER B 42 4.28 40.70 5.69
CA SER B 42 4.85 41.60 6.69
C SER B 42 6.00 41.01 7.51
N GLY B 43 6.38 39.76 7.22
CA GLY B 43 7.46 39.07 7.95
C GLY B 43 7.14 38.75 9.40
N GLN B 44 5.84 38.56 9.70
CA GLN B 44 5.33 38.34 11.07
C GLN B 44 4.76 36.94 11.28
N LEU B 45 4.87 36.05 10.28
CA LEU B 45 4.17 34.75 10.33
C LEU B 45 4.83 33.81 11.34
N ARG B 46 6.13 33.62 11.19
CA ARG B 46 6.89 32.76 12.08
C ARG B 46 6.83 33.21 13.55
N GLU B 47 6.79 34.52 13.79
CA GLU B 47 6.64 35.04 15.15
C GLU B 47 5.29 34.66 15.75
N ARG B 48 4.20 34.84 15.00
CA ARG B 48 2.86 34.48 15.47
C ARG B 48 2.72 33.00 15.80
N VAL B 49 3.41 32.16 15.03
CA VAL B 49 3.43 30.71 15.26
C VAL B 49 4.23 30.40 16.53
N GLU B 50 5.42 31.00 16.63
CA GLU B 50 6.28 30.87 17.83
C GLU B 50 5.66 31.40 19.13
N LYS B 51 4.73 32.35 19.02
CA LYS B 51 4.00 32.90 20.18
C LYS B 51 2.74 32.12 20.60
N LEU B 52 2.45 31.01 19.92
CA LEU B 52 1.24 30.21 20.25
C LEU B 52 1.39 29.40 21.55
N ASN B 53 0.29 29.29 22.28
CA ASN B 53 0.17 28.31 23.36
C ASN B 53 -0.21 26.97 22.73
N MET B 54 0.18 25.86 23.36
CA MET B 54 -0.29 24.55 22.93
C MET B 54 -1.77 24.42 23.28
N LEU B 55 -2.58 24.07 22.30
CA LEU B 55 -4.01 23.91 22.49
C LEU B 55 -4.37 22.44 22.30
N SER B 56 -5.16 21.90 23.23
CA SER B 56 -5.67 20.54 23.12
C SER B 56 -6.55 20.39 21.87
N ILE B 57 -6.50 19.20 21.27
CA ILE B 57 -7.37 18.86 20.13
C ILE B 57 -8.68 18.20 20.55
N ASP B 58 -8.97 18.17 21.86
CA ASP B 58 -10.13 17.42 22.36
C ASP B 58 -11.48 18.12 22.12
N HIS B 59 -11.46 19.44 21.96
CA HIS B 59 -12.68 20.22 21.70
C HIS B 59 -13.16 20.18 20.23
N LEU B 60 -12.36 19.56 19.34
CA LEU B 60 -12.78 19.25 17.97
C LEU B 60 -13.54 17.92 18.00
N THR B 61 -14.86 17.99 18.09
CA THR B 61 -15.69 16.82 18.43
C THR B 61 -16.20 15.95 17.27
N ASP B 62 -16.18 16.47 16.04
CA ASP B 62 -16.66 15.71 14.86
C ASP B 62 -15.67 15.76 13.70
N HIS B 63 -15.92 14.94 12.67
CA HIS B 63 -15.05 14.86 11.49
C HIS B 63 -14.86 16.23 10.82
N LYS B 64 -15.98 16.94 10.60
CA LYS B 64 -15.98 18.27 9.97
C LYS B 64 -14.99 19.23 10.62
N SER B 65 -15.12 19.40 11.93
CA SER B 65 -14.25 20.31 12.71
C SER B 65 -12.79 19.88 12.68
N GLN B 66 -12.56 18.58 12.75
CA GLN B 66 -11.21 18.01 12.73
C GLN B 66 -10.52 18.22 11.37
N ARG B 67 -11.28 18.06 10.28
CA ARG B 67 -10.77 18.30 8.93
C ARG B 67 -10.41 19.76 8.71
N LEU B 68 -11.26 20.68 9.17
CA LEU B 68 -10.95 22.11 9.13
C LEU B 68 -9.65 22.40 9.88
N ALA B 69 -9.49 21.84 11.07
CA ALA B 69 -8.27 22.03 11.85
C ALA B 69 -7.02 21.43 11.17
N ARG B 70 -7.17 20.29 10.49
CA ARG B 70 -6.14 19.74 9.59
C ARG B 70 -5.72 20.77 8.55
N LEU B 71 -6.73 21.37 7.92
CA LEU B 71 -6.52 22.36 6.89
C LEU B 71 -5.84 23.62 7.44
N VAL B 72 -6.32 24.08 8.58
CA VAL B 72 -5.77 25.25 9.26
C VAL B 72 -4.30 25.02 9.65
N LEU B 73 -4.03 23.92 10.34
CA LEU B 73 -2.69 23.59 10.82
C LEU B 73 -1.72 23.25 9.68
N GLY B 74 -2.23 22.57 8.66
CA GLY B 74 -1.42 22.24 7.47
C GLY B 74 -0.99 23.47 6.69
N CYS B 75 -1.92 24.41 6.49
CA CYS B 75 -1.62 25.67 5.79
C CYS B 75 -0.61 26.52 6.58
N ILE B 76 -0.79 26.57 7.90
CA ILE B 76 0.16 27.26 8.79
C ILE B 76 1.53 26.59 8.71
N THR B 77 1.56 25.27 8.68
CA THR B 77 2.79 24.50 8.59
C THR B 77 3.58 24.83 7.33
N MET B 78 2.92 24.82 6.16
CA MET B 78 3.59 25.15 4.89
C MET B 78 4.14 26.57 4.96
N ALA B 79 3.31 27.50 5.45
CA ALA B 79 3.72 28.89 5.60
C ALA B 79 4.94 29.01 6.50
N TYR B 80 4.92 28.32 7.65
CA TYR B 80 6.04 28.36 8.60
C TYR B 80 7.33 27.85 7.95
N VAL B 81 7.24 26.69 7.32
CA VAL B 81 8.41 26.01 6.78
C VAL B 81 9.01 26.84 5.63
N TRP B 82 8.19 27.20 4.66
CA TRP B 82 8.68 27.86 3.43
C TRP B 82 8.80 29.38 3.53
N GLY B 83 8.08 30.01 4.46
CA GLY B 83 8.20 31.45 4.71
C GLY B 83 7.73 32.27 3.52
N LYS B 84 8.54 33.25 3.11
CA LYS B 84 8.28 34.00 1.87
C LYS B 84 8.61 33.18 0.59
N GLY B 85 9.27 32.04 0.76
CA GLY B 85 9.58 31.14 -0.36
C GLY B 85 10.84 31.53 -1.12
N HIS B 86 11.58 32.52 -0.62
CA HIS B 86 12.79 33.02 -1.30
C HIS B 86 14.00 32.11 -1.08
N GLY B 87 13.96 31.24 -0.06
CA GLY B 87 15.07 30.35 0.27
C GLY B 87 15.26 30.10 1.77
N ASP B 88 14.92 31.09 2.58
CA ASP B 88 15.02 31.02 4.04
C ASP B 88 13.95 30.07 4.62
N VAL B 89 14.29 28.78 4.74
CA VAL B 89 13.36 27.77 5.29
C VAL B 89 13.59 27.50 6.77
N ARG B 90 12.63 26.84 7.39
CA ARG B 90 12.70 26.41 8.79
C ARG B 90 12.60 24.88 8.84
N LYS B 91 13.59 24.26 9.47
CA LYS B 91 13.66 22.82 9.54
C LYS B 91 13.05 22.25 10.83
N VAL B 92 12.55 23.12 11.72
CA VAL B 92 11.90 22.68 12.96
C VAL B 92 10.56 23.36 13.16
N LEU B 93 9.49 22.58 13.15
CA LEU B 93 8.15 23.07 13.42
C LEU B 93 7.97 23.16 14.95
N PRO B 94 7.69 24.36 15.50
CA PRO B 94 7.52 24.52 16.95
C PRO B 94 6.53 23.55 17.61
N ARG B 95 6.80 23.20 18.87
CA ARG B 95 6.00 22.20 19.58
C ARG B 95 4.53 22.58 19.73
N ASN B 96 4.25 23.85 20.02
CA ASN B 96 2.88 24.31 20.28
C ASN B 96 1.94 24.11 19.09
N ILE B 97 2.48 24.12 17.88
CA ILE B 97 1.73 23.75 16.67
C ILE B 97 1.94 22.26 16.28
N ALA B 98 3.19 21.79 16.31
CA ALA B 98 3.53 20.44 15.83
C ALA B 98 2.83 19.31 16.57
N VAL B 99 2.68 19.46 17.89
CA VAL B 99 2.07 18.42 18.72
C VAL B 99 0.56 18.28 18.48
N PRO B 100 -0.22 19.37 18.54
CA PRO B 100 -1.65 19.19 18.19
C PRO B 100 -1.87 18.73 16.74
N TYR B 101 -1.03 19.19 15.81
CA TYR B 101 -1.13 18.81 14.41
C TYR B 101 -0.86 17.31 14.23
N CYS B 102 0.22 16.81 14.84
CA CYS B 102 0.54 15.37 14.78
C CYS B 102 -0.51 14.51 15.50
N GLN B 103 -0.97 14.96 16.68
CA GLN B 103 -2.07 14.31 17.42
C GLN B 103 -3.32 14.17 16.56
N LEU B 104 -3.76 15.28 15.98
CA LEU B 104 -4.94 15.32 15.10
C LEU B 104 -4.76 14.47 13.84
N SER B 105 -3.58 14.54 13.23
CA SER B 105 -3.23 13.75 12.05
C SER B 105 -3.25 12.24 12.32
N LYS B 106 -2.80 11.86 13.51
CA LYS B 106 -2.85 10.45 13.94
C LYS B 106 -4.28 9.93 14.07
N LYS B 107 -5.16 10.75 14.64
CA LYS B 107 -6.58 10.40 14.80
C LYS B 107 -7.30 10.21 13.45
N LEU B 108 -6.94 11.03 12.47
CA LEU B 108 -7.57 10.97 11.13
C LEU B 108 -6.81 10.08 10.13
N GLU B 109 -5.69 9.50 10.58
CA GLU B 109 -4.89 8.56 9.78
C GLU B 109 -4.27 9.19 8.54
N LEU B 110 -3.87 10.45 8.66
CA LEU B 110 -3.16 11.17 7.60
C LEU B 110 -1.79 11.59 8.12
N PRO B 111 -0.83 11.77 7.21
CA PRO B 111 0.47 12.29 7.64
C PRO B 111 0.36 13.77 8.03
N PRO B 112 1.23 14.27 8.92
CA PRO B 112 1.19 15.68 9.33
C PRO B 112 1.84 16.60 8.28
N ILE B 113 1.18 16.69 7.13
CA ILE B 113 1.56 17.61 6.05
C ILE B 113 0.28 17.90 5.26
N LEU B 114 0.21 19.06 4.60
CA LEU B 114 -0.96 19.42 3.79
C LEU B 114 -1.11 18.44 2.63
N VAL B 115 -2.31 17.87 2.51
CA VAL B 115 -2.62 16.91 1.45
C VAL B 115 -3.80 17.40 0.61
N TYR B 116 -3.97 16.75 -0.54
CA TYR B 116 -5.08 17.06 -1.45
C TYR B 116 -6.43 17.15 -0.73
N ALA B 117 -6.71 16.19 0.16
CA ALA B 117 -7.97 16.17 0.92
C ALA B 117 -8.16 17.36 1.86
N ASP B 118 -7.06 17.99 2.28
CA ASP B 118 -7.16 19.23 3.06
C ASP B 118 -7.41 20.39 2.11
N CYS B 119 -6.45 20.65 1.23
CA CYS B 119 -6.35 21.91 0.50
C CYS B 119 -7.29 22.04 -0.70
N VAL B 120 -7.84 20.93 -1.16
CA VAL B 120 -8.88 20.93 -2.19
C VAL B 120 -10.23 20.50 -1.59
N LEU B 121 -10.30 19.27 -1.10
CA LEU B 121 -11.61 18.67 -0.72
C LEU B 121 -12.30 19.32 0.48
N ALA B 122 -11.53 19.88 1.41
CA ALA B 122 -12.07 20.56 2.60
C ALA B 122 -11.89 22.08 2.59
N ASN B 123 -11.38 22.63 1.48
CA ASN B 123 -11.00 24.03 1.40
C ASN B 123 -11.97 24.81 0.50
N TRP B 124 -13.26 24.79 0.86
CA TRP B 124 -14.25 25.54 0.08
C TRP B 124 -15.58 25.80 0.79
N LYS B 125 -16.25 26.84 0.30
CA LYS B 125 -17.63 27.14 0.64
C LYS B 125 -18.36 27.65 -0.60
N LYS B 126 -19.69 27.58 -0.57
CA LYS B 126 -20.51 28.21 -1.60
C LYS B 126 -21.06 29.52 -1.04
N LYS B 127 -20.96 30.59 -1.86
CA LYS B 127 -21.32 31.97 -1.47
C LYS B 127 -22.78 32.08 -1.10
N ASP B 128 -23.65 31.63 -2.01
CA ASP B 128 -25.09 31.58 -1.81
C ASP B 128 -25.50 30.12 -1.55
N PRO B 129 -25.99 29.81 -0.32
CA PRO B 129 -26.35 28.44 0.07
C PRO B 129 -27.27 27.64 -0.88
N ASN B 130 -28.16 28.32 -1.60
CA ASN B 130 -29.14 27.66 -2.49
C ASN B 130 -28.81 27.68 -3.99
N LYS B 131 -27.94 28.60 -4.43
CA LYS B 131 -27.42 28.58 -5.81
C LYS B 131 -26.46 27.38 -6.01
N PRO B 132 -26.31 26.91 -7.26
CA PRO B 132 -25.61 25.63 -7.51
C PRO B 132 -24.08 25.66 -7.38
N LEU B 133 -23.46 24.49 -7.50
CA LEU B 133 -21.99 24.34 -7.43
C LEU B 133 -21.31 24.78 -8.72
N THR B 134 -21.10 26.09 -8.86
CA THR B 134 -20.32 26.66 -9.95
C THR B 134 -19.17 27.49 -9.38
N TYR B 135 -18.12 27.65 -10.17
CA TYR B 135 -16.98 28.49 -9.80
C TYR B 135 -17.41 29.88 -9.35
N GLU B 136 -18.43 30.42 -10.01
CA GLU B 136 -18.92 31.78 -9.72
C GLU B 136 -19.63 31.87 -8.36
N ASN B 137 -20.26 30.77 -7.93
CA ASN B 137 -20.89 30.69 -6.61
C ASN B 137 -19.98 30.09 -5.51
N MET B 138 -18.69 29.90 -5.79
CA MET B 138 -17.78 29.21 -4.86
C MET B 138 -16.54 30.04 -4.52
N ASP B 139 -15.94 29.68 -3.38
CA ASP B 139 -14.70 30.30 -2.90
C ASP B 139 -13.94 29.28 -2.04
N VAL B 140 -12.62 29.44 -1.96
CA VAL B 140 -11.78 28.67 -1.00
C VAL B 140 -11.72 29.37 0.35
N LEU B 141 -11.46 28.58 1.39
CA LEU B 141 -11.35 29.11 2.75
C LEU B 141 -9.97 29.68 3.07
N PHE B 142 -8.91 29.17 2.44
CA PHE B 142 -7.54 29.60 2.77
C PHE B 142 -6.62 29.73 1.55
N SER B 143 -5.77 30.75 1.60
CA SER B 143 -4.80 31.08 0.57
C SER B 143 -3.43 31.26 1.23
N PHE B 144 -2.38 31.27 0.42
CA PHE B 144 -1.01 31.44 0.91
C PHE B 144 -0.49 32.86 0.71
N ARG B 145 -0.50 33.33 -0.53
CA ARG B 145 -0.06 34.70 -0.84
C ARG B 145 -1.08 35.41 -1.72
N ASP B 146 -1.12 36.74 -1.63
CA ASP B 146 -1.97 37.55 -2.52
C ASP B 146 -1.45 37.42 -3.95
N GLY B 147 -2.36 37.13 -4.89
CA GLY B 147 -2.00 36.86 -6.27
C GLY B 147 -1.37 35.50 -6.53
N ASP B 148 -1.69 34.50 -5.71
CA ASP B 148 -1.18 33.12 -5.87
C ASP B 148 -2.10 32.23 -6.71
N CYS B 149 -3.31 32.72 -7.01
CA CYS B 149 -4.36 32.00 -7.75
C CYS B 149 -4.83 30.72 -7.07
N SER B 150 -4.82 30.72 -5.73
CA SER B 150 -5.21 29.54 -4.96
C SER B 150 -6.70 29.25 -5.13
N LYS B 151 -7.53 30.29 -5.22
CA LYS B 151 -8.96 30.12 -5.48
C LYS B 151 -9.22 29.35 -6.78
N GLY B 152 -8.54 29.77 -7.85
CA GLY B 152 -8.66 29.14 -9.16
C GLY B 152 -8.14 27.72 -9.17
N PHE B 153 -6.95 27.57 -8.59
CA PHE B 153 -6.24 26.29 -8.56
C PHE B 153 -7.02 25.19 -7.83
N PHE B 154 -7.43 25.49 -6.60
CA PHE B 154 -8.11 24.49 -5.78
C PHE B 154 -9.53 24.19 -6.30
N LEU B 155 -10.30 25.22 -6.64
CA LEU B 155 -11.70 25.01 -7.05
C LEU B 155 -11.85 24.27 -8.37
N VAL B 156 -10.89 24.43 -9.29
CA VAL B 156 -10.89 23.66 -10.53
C VAL B 156 -10.75 22.15 -10.25
N HIS B 157 -9.79 21.79 -9.40
CA HIS B 157 -9.66 20.41 -8.94
C HIS B 157 -10.98 19.87 -8.37
N LEU B 158 -11.58 20.64 -7.47
CA LEU B 158 -12.84 20.28 -6.83
C LEU B 158 -13.95 20.09 -7.86
N LEU B 159 -14.03 21.01 -8.81
CA LEU B 159 -15.07 20.94 -9.83
C LEU B 159 -14.85 19.75 -10.76
N VAL B 160 -13.59 19.41 -11.02
CA VAL B 160 -13.26 18.20 -11.78
C VAL B 160 -13.57 16.93 -10.95
N GLU B 161 -13.32 16.96 -9.64
CA GLU B 161 -13.75 15.87 -8.76
C GLU B 161 -15.24 15.60 -8.86
N ILE B 162 -16.02 16.67 -8.71
CA ILE B 162 -17.48 16.59 -8.71
C ILE B 162 -17.97 16.09 -10.05
N ALA B 163 -17.38 16.58 -11.14
CA ALA B 163 -17.70 16.09 -12.48
C ALA B 163 -17.46 14.58 -12.59
N ALA B 164 -16.27 14.15 -12.19
CA ALA B 164 -15.90 12.73 -12.18
C ALA B 164 -16.73 11.89 -11.20
N ALA B 165 -17.12 12.49 -10.08
CA ALA B 165 -17.87 11.79 -9.03
C ALA B 165 -19.31 11.46 -9.41
N SER B 166 -19.85 12.10 -10.44
CA SER B 166 -21.11 11.66 -11.06
C SER B 166 -21.04 10.22 -11.57
N ALA B 167 -19.85 9.77 -11.96
CA ALA B 167 -19.62 8.37 -12.36
C ALA B 167 -19.63 7.37 -11.20
N ILE B 168 -19.26 7.81 -10.00
CA ILE B 168 -19.06 6.91 -8.87
C ILE B 168 -20.35 6.19 -8.46
N LYS B 169 -21.49 6.87 -8.49
CA LYS B 169 -22.77 6.23 -8.18
C LYS B 169 -23.16 5.11 -9.16
N VAL B 170 -22.60 5.15 -10.37
CA VAL B 170 -22.83 4.11 -11.39
C VAL B 170 -22.05 2.81 -11.13
N ILE B 171 -20.90 2.92 -10.45
CA ILE B 171 -19.99 1.77 -10.21
C ILE B 171 -20.67 0.53 -9.60
N PRO B 172 -21.53 0.69 -8.57
CA PRO B 172 -22.24 -0.51 -8.09
C PRO B 172 -23.13 -1.18 -9.16
N THR B 173 -23.73 -0.40 -10.06
CA THR B 173 -24.51 -0.96 -11.17
C THR B 173 -23.63 -1.79 -12.11
N VAL B 174 -22.39 -1.36 -12.32
CA VAL B 174 -21.45 -2.07 -13.21
C VAL B 174 -21.21 -3.48 -12.70
N PHE B 175 -20.86 -3.60 -11.42
CA PHE B 175 -20.57 -4.90 -10.83
C PHE B 175 -21.82 -5.76 -10.59
N LYS B 176 -22.98 -5.13 -10.38
CA LYS B 176 -24.24 -5.87 -10.27
C LYS B 176 -24.70 -6.42 -11.61
N ALA B 177 -24.53 -5.64 -12.68
CA ALA B 177 -24.80 -6.09 -14.05
C ALA B 177 -23.88 -7.24 -14.50
N MET B 178 -22.62 -7.20 -14.06
CA MET B 178 -21.68 -8.29 -14.36
C MET B 178 -22.09 -9.58 -13.66
N GLN B 179 -22.43 -9.47 -12.37
CA GLN B 179 -22.90 -10.59 -11.56
C GLN B 179 -24.21 -11.20 -12.10
N MET B 180 -25.17 -10.34 -12.42
CA MET B 180 -26.47 -10.75 -12.96
C MET B 180 -26.48 -11.06 -14.47
N GLN B 181 -25.34 -10.89 -15.14
CA GLN B 181 -25.21 -11.10 -16.60
C GLN B 181 -26.24 -10.25 -17.34
N GLU B 182 -26.14 -8.94 -17.15
CA GLU B 182 -27.09 -7.98 -17.71
C GLU B 182 -26.33 -7.08 -18.68
N ARG B 183 -26.17 -7.58 -19.90
CA ARG B 183 -25.34 -6.92 -20.93
C ARG B 183 -25.79 -5.49 -21.23
N ASP B 184 -27.07 -5.28 -21.47
CA ASP B 184 -27.59 -3.95 -21.80
C ASP B 184 -27.31 -2.95 -20.67
N THR B 185 -27.63 -3.35 -19.44
CA THR B 185 -27.39 -2.55 -18.24
C THR B 185 -25.91 -2.17 -18.10
N LEU B 186 -25.01 -3.13 -18.31
CA LEU B 186 -23.56 -2.89 -18.21
C LEU B 186 -23.11 -1.85 -19.23
N LEU B 187 -23.49 -2.07 -20.48
CA LEU B 187 -23.14 -1.16 -21.58
C LEU B 187 -23.64 0.25 -21.27
N LYS B 188 -24.92 0.34 -20.92
CA LYS B 188 -25.55 1.61 -20.50
C LYS B 188 -24.72 2.31 -19.42
N ALA B 189 -24.28 1.54 -18.41
CA ALA B 189 -23.49 2.06 -17.29
C ALA B 189 -22.08 2.53 -17.68
N LEU B 190 -21.38 1.76 -18.52
CA LEU B 190 -20.04 2.15 -18.99
C LEU B 190 -20.08 3.46 -19.79
N LEU B 191 -21.05 3.61 -20.70
CA LEU B 191 -21.20 4.84 -21.50
C LEU B 191 -21.45 6.06 -20.59
N GLU B 192 -22.26 5.86 -19.56
CA GLU B 192 -22.52 6.91 -18.56
C GLU B 192 -21.25 7.28 -17.79
N ILE B 193 -20.39 6.31 -17.51
CA ILE B 193 -19.08 6.59 -16.90
C ILE B 193 -18.20 7.40 -17.85
N ALA B 194 -18.15 6.99 -19.12
CA ALA B 194 -17.39 7.71 -20.14
C ALA B 194 -17.93 9.13 -20.34
N SER B 195 -19.25 9.28 -20.26
CA SER B 195 -19.87 10.59 -20.36
C SER B 195 -19.40 11.53 -19.25
N CYS B 196 -19.37 11.02 -18.01
CA CYS B 196 -18.89 11.80 -16.86
C CYS B 196 -17.41 12.19 -16.97
N LEU B 197 -16.58 11.27 -17.44
CA LEU B 197 -15.15 11.55 -17.63
C LEU B 197 -14.90 12.53 -18.78
N GLU B 198 -15.74 12.45 -19.82
CA GLU B 198 -15.76 13.44 -20.90
C GLU B 198 -16.16 14.82 -20.35
N LYS B 199 -17.22 14.87 -19.53
CA LYS B 199 -17.61 16.12 -18.83
C LYS B 199 -16.51 16.67 -17.93
N ALA B 200 -15.79 15.78 -17.24
CA ALA B 200 -14.71 16.20 -16.32
C ALA B 200 -13.57 16.93 -17.05
N LEU B 201 -13.27 16.50 -18.27
CA LEU B 201 -12.31 17.20 -19.14
C LEU B 201 -12.77 18.60 -19.53
N GLN B 202 -14.08 18.76 -19.81
CA GLN B 202 -14.64 20.08 -20.12
C GLN B 202 -14.46 21.06 -18.97
N VAL B 203 -14.66 20.57 -17.74
CA VAL B 203 -14.49 21.35 -16.52
C VAL B 203 -13.01 21.71 -16.27
N PHE B 204 -12.12 20.77 -16.58
CA PHE B 204 -10.66 20.96 -16.46
C PHE B 204 -10.18 22.11 -17.37
N HIS B 205 -10.87 22.35 -18.49
CA HIS B 205 -10.56 23.52 -19.35
C HIS B 205 -10.54 24.87 -18.60
N GLN B 206 -11.40 25.01 -17.57
CA GLN B 206 -11.50 26.23 -16.74
C GLN B 206 -10.17 26.73 -16.14
N ILE B 207 -9.21 25.83 -15.92
CA ILE B 207 -7.93 26.18 -15.30
C ILE B 207 -7.19 27.36 -15.96
N HIS B 208 -7.24 27.43 -17.29
CA HIS B 208 -6.57 28.50 -18.05
C HIS B 208 -7.16 29.88 -17.73
N ASP B 209 -8.46 29.92 -17.49
CA ASP B 209 -9.17 31.17 -17.18
C ASP B 209 -8.84 31.74 -15.79
N HIS B 210 -8.56 30.86 -14.82
CA HIS B 210 -8.42 31.26 -13.41
C HIS B 210 -7.01 31.13 -12.77
N VAL B 211 -6.07 30.48 -13.45
CA VAL B 211 -4.74 30.24 -12.87
C VAL B 211 -3.64 30.73 -13.81
N ASN B 212 -2.96 31.79 -13.40
CA ASN B 212 -1.82 32.36 -14.13
C ASN B 212 -0.59 31.45 -13.95
N PRO B 213 0.05 31.00 -15.04
CA PRO B 213 1.25 30.15 -14.98
C PRO B 213 2.42 30.68 -14.13
N LYS B 214 2.65 31.99 -14.18
CA LYS B 214 3.74 32.63 -13.43
C LYS B 214 3.42 32.60 -11.95
N ALA B 215 2.22 33.06 -11.61
CA ALA B 215 1.70 32.99 -10.24
C ALA B 215 1.78 31.58 -9.67
N PHE B 216 1.38 30.58 -10.46
CA PHE B 216 1.43 29.20 -9.98
C PHE B 216 2.86 28.75 -9.66
N PHE B 217 3.75 28.81 -10.64
CA PHE B 217 5.08 28.19 -10.52
C PHE B 217 6.00 28.84 -9.50
N SER B 218 5.94 30.18 -9.39
CA SER B 218 6.87 30.94 -8.53
C SER B 218 6.25 31.51 -7.25
N VAL B 219 4.95 31.33 -7.03
CA VAL B 219 4.28 31.73 -5.77
C VAL B 219 3.62 30.54 -5.08
N LEU B 220 2.61 29.94 -5.72
CA LEU B 220 1.79 28.90 -5.09
C LEU B 220 2.50 27.55 -4.95
N ARG B 221 3.24 27.15 -5.98
CA ARG B 221 3.94 25.84 -5.99
C ARG B 221 4.92 25.66 -4.83
N ILE B 222 5.45 26.76 -4.31
CA ILE B 222 6.36 26.73 -3.16
C ILE B 222 5.68 26.14 -1.93
N TYR B 223 4.44 26.55 -1.69
CA TYR B 223 3.70 26.16 -0.48
C TYR B 223 3.06 24.77 -0.57
N LEU B 224 3.06 24.15 -1.74
CA LEU B 224 2.54 22.79 -1.90
C LEU B 224 3.66 21.76 -1.80
N SER B 225 4.92 22.22 -1.77
CA SER B 225 6.07 21.33 -1.65
C SER B 225 6.20 20.76 -0.24
N GLY B 226 6.72 19.54 -0.18
CA GLY B 226 6.95 18.83 1.08
C GLY B 226 8.41 18.55 1.31
N TRP B 227 8.67 17.48 2.06
CA TRP B 227 10.02 17.13 2.52
C TRP B 227 10.26 15.62 2.47
N LYS B 228 10.28 15.09 1.25
CA LYS B 228 10.67 13.71 0.99
C LYS B 228 11.41 13.69 -0.35
N GLY B 229 12.74 13.72 -0.27
CA GLY B 229 13.59 13.90 -1.44
C GLY B 229 13.64 15.34 -1.90
N ASN B 230 13.51 16.28 -0.96
CA ASN B 230 13.69 17.72 -1.23
C ASN B 230 15.08 18.11 -0.70
N PRO B 231 15.98 18.60 -1.59
CA PRO B 231 17.29 19.10 -1.15
C PRO B 231 17.27 20.23 -0.09
N GLN B 232 16.21 21.03 -0.08
CA GLN B 232 16.03 22.10 0.90
C GLN B 232 15.78 21.59 2.34
N LEU B 233 15.19 20.40 2.46
CA LEU B 233 15.05 19.70 3.76
C LEU B 233 15.37 18.22 3.59
N SER B 234 16.65 17.94 3.30
CA SER B 234 17.10 16.59 2.91
C SER B 234 16.81 15.45 3.91
N ASP B 235 16.84 15.76 5.20
CA ASP B 235 16.55 14.77 6.25
C ASP B 235 15.09 14.73 6.70
N GLY B 236 14.31 15.74 6.32
CA GLY B 236 12.89 15.84 6.70
C GLY B 236 12.67 17.02 7.61
N LEU B 237 11.57 16.99 8.34
CA LEU B 237 11.19 18.08 9.25
C LEU B 237 11.04 17.58 10.68
N VAL B 238 11.58 18.34 11.64
CA VAL B 238 11.41 18.05 13.06
C VAL B 238 10.05 18.52 13.55
N TYR B 239 9.18 17.58 13.90
CA TYR B 239 7.90 17.89 14.54
C TYR B 239 8.17 17.94 16.03
N GLU B 240 8.76 19.05 16.46
CA GLU B 240 9.28 19.23 17.82
C GLU B 240 8.28 18.78 18.88
N GLY B 241 8.75 17.99 19.84
CA GLY B 241 7.92 17.53 20.96
C GLY B 241 7.03 16.33 20.70
N PHE B 242 7.05 15.79 19.48
CA PHE B 242 6.26 14.62 19.09
C PHE B 242 7.14 13.47 18.60
N TRP B 243 8.14 13.76 17.75
CA TRP B 243 9.17 12.81 17.37
C TRP B 243 10.54 13.45 17.56
N GLU B 244 11.54 12.63 17.89
CA GLU B 244 12.91 13.10 18.13
C GLU B 244 13.64 13.35 16.81
N ASP B 245 13.51 12.39 15.90
CA ASP B 245 14.14 12.49 14.59
C ASP B 245 13.23 13.21 13.60
N PRO B 246 13.82 13.88 12.60
CA PRO B 246 13.02 14.46 11.53
C PRO B 246 12.40 13.37 10.66
N LYS B 247 11.10 13.48 10.37
CA LYS B 247 10.40 12.56 9.47
C LYS B 247 10.20 13.19 8.10
N GLU B 248 10.18 12.33 7.07
CA GLU B 248 9.95 12.74 5.69
C GLU B 248 8.53 12.43 5.25
N PHE B 249 7.90 13.41 4.61
CA PHE B 249 6.55 13.27 4.06
C PHE B 249 6.46 14.00 2.73
N ALA B 250 5.85 13.36 1.74
CA ALA B 250 5.74 13.90 0.39
C ALA B 250 4.79 15.11 0.33
N GLY B 251 5.05 15.98 -0.63
CA GLY B 251 4.21 17.16 -0.86
C GLY B 251 2.87 16.83 -1.48
N GLY B 252 2.04 17.84 -1.66
CA GLY B 252 0.70 17.65 -2.19
C GLY B 252 0.68 17.36 -3.68
N SER B 253 -0.31 16.60 -4.11
CA SER B 253 -0.60 16.39 -5.52
C SER B 253 -2.01 15.80 -5.65
N ALA B 254 -2.65 16.03 -6.80
CA ALA B 254 -3.88 15.34 -7.16
C ALA B 254 -3.70 13.83 -7.42
N GLY B 255 -2.45 13.35 -7.37
CA GLY B 255 -2.17 11.93 -7.12
C GLY B 255 -2.81 11.42 -5.82
N GLN B 256 -3.03 12.31 -4.86
CA GLN B 256 -3.67 11.96 -3.59
C GLN B 256 -5.21 12.02 -3.65
N SER B 257 -5.78 11.93 -4.86
CA SER B 257 -7.24 11.89 -5.04
C SER B 257 -7.66 10.47 -5.34
N SER B 258 -8.54 9.92 -4.51
CA SER B 258 -9.08 8.58 -4.76
C SER B 258 -9.93 8.53 -6.03
N VAL B 259 -10.73 9.58 -6.28
CA VAL B 259 -11.52 9.69 -7.52
C VAL B 259 -10.64 9.52 -8.76
N PHE B 260 -9.50 10.20 -8.79
CA PHE B 260 -8.64 10.16 -9.98
C PHE B 260 -7.85 8.85 -10.12
N GLN B 261 -7.71 8.11 -9.02
CA GLN B 261 -7.15 6.76 -9.06
C GLN B 261 -8.18 5.66 -9.33
N CYS B 262 -9.44 5.87 -8.93
CA CYS B 262 -10.43 4.78 -8.90
C CYS B 262 -10.85 4.23 -10.26
N PHE B 263 -10.75 5.04 -11.30
CA PHE B 263 -11.16 4.62 -12.66
C PHE B 263 -10.21 3.63 -13.30
N ASP B 264 -8.91 3.78 -13.04
CA ASP B 264 -7.92 2.79 -13.46
C ASP B 264 -8.21 1.45 -12.80
N VAL B 265 -8.54 1.49 -11.51
CA VAL B 265 -8.87 0.28 -10.75
C VAL B 265 -10.15 -0.35 -11.31
N LEU B 266 -11.17 0.48 -11.51
CA LEU B 266 -12.47 0.06 -12.08
C LEU B 266 -12.33 -0.63 -13.44
N LEU B 267 -11.53 -0.04 -14.31
CA LEU B 267 -11.32 -0.54 -15.67
C LEU B 267 -10.22 -1.60 -15.80
N GLY B 268 -9.59 -1.99 -14.70
CA GLY B 268 -8.52 -3.00 -14.70
C GLY B 268 -7.22 -2.53 -15.31
N ILE B 269 -7.01 -1.21 -15.33
CA ILE B 269 -5.75 -0.61 -15.80
C ILE B 269 -4.79 -0.64 -14.61
N GLN B 270 -3.94 -1.65 -14.55
CA GLN B 270 -3.15 -1.91 -13.34
C GLN B 270 -1.97 -0.93 -13.19
N GLN B 271 -2.30 0.28 -12.71
CA GLN B 271 -1.31 1.34 -12.46
C GLN B 271 -0.37 0.97 -11.30
N THR B 272 -0.91 0.25 -10.31
CA THR B 272 -0.19 -0.13 -9.10
C THR B 272 0.30 -1.60 -9.14
N ALA B 273 0.67 -2.08 -10.33
CA ALA B 273 1.18 -3.45 -10.51
C ALA B 273 2.69 -3.43 -10.76
N GLY B 274 3.34 -4.55 -10.47
CA GLY B 274 4.80 -4.64 -10.51
C GLY B 274 5.41 -3.94 -9.31
N GLY B 275 6.61 -3.39 -9.51
CA GLY B 275 7.31 -2.63 -8.48
C GLY B 275 7.98 -1.38 -8.99
N GLY B 276 7.45 -0.79 -10.07
CA GLY B 276 8.05 0.39 -10.69
C GLY B 276 7.84 1.66 -9.88
N HIS B 277 8.57 2.73 -10.24
CA HIS B 277 8.51 4.00 -9.52
C HIS B 277 7.11 4.65 -9.51
N ALA B 278 6.42 4.59 -10.64
CA ALA B 278 5.07 5.17 -10.77
C ALA B 278 4.02 4.40 -9.97
N ALA B 279 4.06 3.08 -10.04
CA ALA B 279 3.20 2.20 -9.21
C ALA B 279 3.43 2.41 -7.72
N GLN B 280 4.70 2.54 -7.34
CA GLN B 280 5.09 2.78 -5.95
C GLN B 280 4.55 4.12 -5.45
N PHE B 281 4.62 5.18 -6.26
CA PHE B 281 4.11 6.49 -5.85
C PHE B 281 2.58 6.49 -5.68
N LEU B 282 1.88 5.99 -6.69
CA LEU B 282 0.42 5.96 -6.65
C LEU B 282 -0.09 5.12 -5.49
N GLN B 283 0.57 4.00 -5.21
CA GLN B 283 0.24 3.17 -4.04
C GLN B 283 0.55 3.90 -2.71
N ASP B 284 1.69 4.60 -2.67
CA ASP B 284 2.08 5.39 -1.50
C ASP B 284 1.09 6.51 -1.17
N MET B 285 0.56 7.17 -2.21
CA MET B 285 -0.42 8.25 -2.02
C MET B 285 -1.77 7.82 -1.47
N ARG B 286 -2.04 6.52 -1.40
CA ARG B 286 -3.29 6.04 -0.77
C ARG B 286 -3.28 6.18 0.76
N ARG B 287 -2.09 6.21 1.36
CA ARG B 287 -1.91 6.56 2.78
C ARG B 287 -1.94 8.08 3.05
N TYR B 288 -1.89 8.88 1.98
CA TYR B 288 -2.10 10.34 2.04
C TYR B 288 -3.57 10.73 1.80
N MET B 289 -4.44 9.74 1.57
CA MET B 289 -5.88 9.95 1.46
C MET B 289 -6.53 9.61 2.79
N PRO B 290 -7.76 10.12 3.03
CA PRO B 290 -8.51 9.70 4.21
C PRO B 290 -8.80 8.20 4.21
N PRO B 291 -9.02 7.60 5.40
CA PRO B 291 -9.25 6.15 5.47
C PRO B 291 -10.40 5.66 4.57
N ALA B 292 -11.54 6.34 4.61
CA ALA B 292 -12.69 5.98 3.77
C ALA B 292 -12.38 5.98 2.28
N HIS B 293 -11.52 6.90 1.84
CA HIS B 293 -11.11 6.98 0.45
C HIS B 293 -10.14 5.86 0.10
N ARG B 294 -9.20 5.62 1.02
CA ARG B 294 -8.23 4.52 0.90
C ARG B 294 -8.94 3.17 0.77
N ASN B 295 -10.01 2.97 1.53
CA ASN B 295 -10.80 1.74 1.51
C ASN B 295 -11.57 1.56 0.22
N PHE B 296 -12.12 2.65 -0.32
CA PHE B 296 -12.92 2.61 -1.55
C PHE B 296 -12.12 2.02 -2.70
N LEU B 297 -10.90 2.55 -2.91
CA LEU B 297 -10.01 2.06 -3.96
C LEU B 297 -9.74 0.58 -3.75
N CYS B 298 -9.44 0.30 -2.49
CA CYS B 298 -9.12 -1.03 -2.01
C CYS B 298 -10.27 -2.04 -2.27
N SER B 299 -11.49 -1.61 -1.97
CA SER B 299 -12.69 -2.40 -2.22
C SER B 299 -12.98 -2.66 -3.71
N LEU B 300 -12.61 -1.73 -4.59
CA LEU B 300 -12.74 -1.92 -6.04
C LEU B 300 -11.82 -3.00 -6.58
N GLU B 301 -10.63 -3.14 -5.98
CA GLU B 301 -9.69 -4.20 -6.37
C GLU B 301 -10.19 -5.60 -5.97
N SER B 302 -11.05 -5.67 -4.96
CA SER B 302 -11.66 -6.93 -4.50
C SER B 302 -12.77 -7.47 -5.41
N ASN B 303 -13.29 -6.64 -6.31
CA ASN B 303 -14.36 -7.06 -7.24
C ASN B 303 -13.78 -7.76 -8.48
N PRO B 304 -14.59 -8.60 -9.16
CA PRO B 304 -14.11 -9.24 -10.40
C PRO B 304 -13.80 -8.23 -11.50
N SER B 305 -12.83 -8.55 -12.36
CA SER B 305 -12.31 -7.60 -13.34
C SER B 305 -13.32 -7.23 -14.41
N VAL B 306 -13.63 -5.94 -14.52
CA VAL B 306 -14.52 -5.43 -15.57
C VAL B 306 -13.89 -5.66 -16.94
N ARG B 307 -12.57 -5.49 -17.03
CA ARG B 307 -11.82 -5.72 -18.27
C ARG B 307 -11.98 -7.14 -18.79
N GLU B 308 -11.73 -8.13 -17.92
CA GLU B 308 -11.80 -9.54 -18.33
C GLU B 308 -13.20 -9.99 -18.73
N PHE B 309 -14.22 -9.35 -18.15
CA PHE B 309 -15.62 -9.62 -18.49
C PHE B 309 -15.95 -9.14 -19.89
N VAL B 310 -15.50 -7.93 -20.23
CA VAL B 310 -15.79 -7.33 -21.53
C VAL B 310 -15.03 -8.06 -22.66
N LEU B 311 -13.73 -8.27 -22.45
CA LEU B 311 -12.88 -9.05 -23.38
C LEU B 311 -13.45 -10.41 -23.77
N SER B 312 -14.04 -11.11 -22.81
CA SER B 312 -14.48 -12.50 -23.03
C SER B 312 -15.66 -12.65 -24.01
N LYS B 313 -16.52 -11.63 -24.08
CA LYS B 313 -17.88 -11.81 -24.63
C LYS B 313 -18.09 -11.52 -26.13
N GLY B 314 -17.04 -11.16 -26.86
CA GLY B 314 -17.14 -10.96 -28.33
C GLY B 314 -18.24 -9.99 -28.74
N ASP B 315 -18.34 -8.91 -27.98
CA ASP B 315 -19.47 -7.99 -28.04
C ASP B 315 -18.86 -6.64 -28.35
N ALA B 316 -19.14 -6.12 -29.54
CA ALA B 316 -18.51 -4.89 -30.03
C ALA B 316 -18.98 -3.65 -29.28
N GLY B 317 -20.28 -3.57 -29.02
CA GLY B 317 -20.87 -2.44 -28.28
C GLY B 317 -20.36 -2.35 -26.85
N LEU B 318 -20.12 -3.51 -26.27
CA LEU B 318 -19.58 -3.61 -24.92
C LEU B 318 -18.09 -3.22 -24.90
N ARG B 319 -17.32 -3.71 -25.87
CA ARG B 319 -15.92 -3.30 -26.04
C ARG B 319 -15.78 -1.81 -26.38
N GLU B 320 -16.70 -1.29 -27.21
CA GLU B 320 -16.72 0.13 -27.56
C GLU B 320 -16.97 1.00 -26.32
N ALA B 321 -17.96 0.62 -25.52
CA ALA B 321 -18.32 1.35 -24.29
C ALA B 321 -17.18 1.35 -23.28
N TYR B 322 -16.44 0.24 -23.18
CA TYR B 322 -15.25 0.15 -22.33
C TYR B 322 -14.12 1.05 -22.84
N ASP B 323 -13.89 1.05 -24.15
CA ASP B 323 -12.88 1.92 -24.77
C ASP B 323 -13.17 3.40 -24.55
N ALA B 324 -14.45 3.78 -24.64
CA ALA B 324 -14.86 5.16 -24.39
C ALA B 324 -14.38 5.65 -23.03
N CYS B 325 -14.48 4.79 -22.02
CA CYS B 325 -13.95 5.08 -20.69
C CYS B 325 -12.44 5.23 -20.69
N VAL B 326 -11.75 4.26 -21.30
CA VAL B 326 -10.28 4.27 -21.38
C VAL B 326 -9.78 5.49 -22.19
N LYS B 327 -10.48 5.82 -23.28
CA LYS B 327 -10.14 6.98 -24.13
C LYS B 327 -10.34 8.32 -23.41
N ALA B 328 -11.40 8.42 -22.61
CA ALA B 328 -11.63 9.60 -21.77
C ALA B 328 -10.46 9.84 -20.79
N LEU B 329 -9.92 8.75 -20.22
CA LEU B 329 -8.72 8.84 -19.37
C LEU B 329 -7.47 9.25 -20.14
N VAL B 330 -7.31 8.74 -21.36
CA VAL B 330 -6.18 9.11 -22.23
C VAL B 330 -6.29 10.59 -22.64
N SER B 331 -7.50 11.05 -22.93
CA SER B 331 -7.74 12.49 -23.19
C SER B 331 -7.29 13.32 -22.00
N LEU B 332 -7.74 12.92 -20.81
CA LEU B 332 -7.43 13.62 -19.56
C LEU B 332 -5.95 13.68 -19.26
N ARG B 333 -5.28 12.54 -19.41
CA ARG B 333 -3.83 12.44 -19.18
C ARG B 333 -2.97 13.15 -20.24
N SER B 334 -3.46 13.22 -21.48
CA SER B 334 -2.83 14.03 -22.53
C SER B 334 -2.97 15.54 -22.25
N TYR B 335 -4.18 15.96 -21.89
CA TYR B 335 -4.46 17.35 -21.56
C TYR B 335 -3.67 17.82 -20.34
N HIS B 336 -3.53 16.94 -19.36
CA HIS B 336 -2.75 17.21 -18.14
C HIS B 336 -1.26 17.42 -18.46
N LEU B 337 -0.72 16.71 -19.45
CA LEU B 337 0.66 16.94 -19.90
C LEU B 337 0.85 18.29 -20.62
N GLN B 338 -0.18 18.75 -21.33
CA GLN B 338 -0.19 20.12 -21.88
C GLN B 338 -0.23 21.15 -20.76
N ILE B 339 -1.02 20.86 -19.72
CA ILE B 339 -1.09 21.69 -18.52
C ILE B 339 0.27 21.72 -17.80
N VAL B 340 0.96 20.57 -17.72
CA VAL B 340 2.30 20.54 -17.12
C VAL B 340 3.31 21.37 -17.93
N THR B 341 3.19 21.34 -19.25
CA THR B 341 4.05 22.15 -20.14
C THR B 341 3.87 23.65 -19.85
N LYS B 342 2.63 24.10 -19.89
CA LYS B 342 2.28 25.50 -19.60
C LYS B 342 2.67 25.97 -18.20
N TYR B 343 2.43 25.10 -17.20
CA TYR B 343 2.53 25.51 -15.78
C TYR B 343 3.82 25.12 -15.04
N ILE B 344 4.62 24.20 -15.57
CA ILE B 344 5.93 23.86 -14.97
C ILE B 344 7.07 24.10 -15.96
N LEU B 345 7.06 23.40 -17.08
CA LEU B 345 8.20 23.36 -18.00
C LEU B 345 8.56 24.72 -18.59
N ILE B 346 7.56 25.47 -19.07
CA ILE B 346 7.78 26.80 -19.63
C ILE B 346 8.27 27.81 -18.55
N PRO B 347 7.54 27.95 -17.42
CA PRO B 347 8.05 28.76 -16.30
C PRO B 347 9.44 28.37 -15.79
N ALA B 348 9.72 27.06 -15.72
CA ALA B 348 11.04 26.56 -15.28
C ALA B 348 12.19 27.05 -16.18
N SER B 349 11.96 27.02 -17.49
CA SER B 349 12.95 27.49 -18.48
C SER B 349 13.26 28.99 -18.39
N GLN B 350 12.25 29.79 -17.99
CA GLN B 350 12.35 31.26 -17.94
C GLN B 350 12.74 31.78 -16.55
N GLN B 351 13.84 31.30 -15.98
CA GLN B 351 14.28 31.75 -14.65
C GLN B 351 15.80 31.69 -14.45
N PRO B 352 16.37 32.64 -13.65
CA PRO B 352 17.73 32.47 -13.12
C PRO B 352 17.81 31.37 -12.07
N LEU B 364 19.81 16.27 -14.11
CA LEU B 364 18.79 15.98 -13.11
C LEU B 364 17.38 16.26 -13.65
N GLU B 365 16.43 15.36 -13.35
CA GLU B 365 15.05 15.46 -13.82
C GLU B 365 14.24 16.48 -13.01
N ALA B 366 13.29 17.14 -13.67
CA ALA B 366 12.41 18.10 -13.01
C ALA B 366 11.43 17.37 -12.10
N LYS B 367 11.48 17.66 -10.80
CA LYS B 367 10.67 16.94 -9.80
C LYS B 367 9.32 17.61 -9.53
N GLY B 368 8.28 16.79 -9.39
CA GLY B 368 6.97 17.26 -8.95
C GLY B 368 6.97 17.56 -7.46
N THR B 369 5.90 18.16 -6.96
CA THR B 369 5.74 18.39 -5.53
C THR B 369 5.57 17.08 -4.74
N GLY B 370 4.88 16.11 -5.33
CA GLY B 370 4.75 14.76 -4.76
C GLY B 370 6.03 13.93 -4.73
N GLY B 371 7.03 14.34 -5.52
CA GLY B 371 8.36 13.73 -5.49
C GLY B 371 8.72 12.84 -6.65
N THR B 372 7.82 12.72 -7.64
CA THR B 372 8.08 11.90 -8.83
C THR B 372 9.04 12.61 -9.77
N ASP B 373 9.75 11.81 -10.59
CA ASP B 373 10.38 12.34 -11.80
C ASP B 373 9.21 12.57 -12.76
N LEU B 374 8.67 13.79 -12.73
CA LEU B 374 7.31 14.06 -13.20
C LEU B 374 7.07 13.72 -14.66
N MET B 375 8.06 13.97 -15.52
CA MET B 375 7.91 13.70 -16.95
C MET B 375 7.85 12.21 -17.23
N ASN B 376 8.82 11.45 -16.71
CA ASN B 376 8.80 9.99 -16.84
C ASN B 376 7.53 9.39 -16.25
N PHE B 377 7.19 9.84 -15.04
CA PHE B 377 6.02 9.37 -14.30
C PHE B 377 4.69 9.55 -15.05
N LEU B 378 4.47 10.76 -15.58
CA LEU B 378 3.22 11.08 -16.30
C LEU B 378 3.10 10.33 -17.63
N LYS B 379 4.22 10.17 -18.35
CA LYS B 379 4.24 9.43 -19.63
C LYS B 379 3.99 7.95 -19.36
N THR B 380 4.67 7.41 -18.36
CA THR B 380 4.51 6.01 -17.93
C THR B 380 3.06 5.65 -17.57
N VAL B 381 2.39 6.54 -16.83
CA VAL B 381 1.00 6.30 -16.40
C VAL B 381 0.04 6.39 -17.58
N ARG B 382 0.23 7.41 -18.45
CA ARG B 382 -0.55 7.50 -19.69
C ARG B 382 -0.31 6.30 -20.61
N SER B 383 0.94 5.86 -20.72
CA SER B 383 1.31 4.71 -21.54
C SER B 383 0.61 3.43 -21.07
N THR B 384 0.57 3.24 -19.74
CA THR B 384 -0.19 2.15 -19.12
C THR B 384 -1.70 2.24 -19.42
N THR B 385 -2.24 3.45 -19.46
CA THR B 385 -3.65 3.68 -19.81
C THR B 385 -3.94 3.37 -21.29
N GLU B 386 -3.07 3.83 -22.19
CA GLU B 386 -3.21 3.58 -23.63
C GLU B 386 -3.16 2.08 -23.97
N LYS B 387 -2.32 1.33 -23.27
CA LYS B 387 -2.21 -0.13 -23.47
C LYS B 387 -3.40 -0.97 -22.98
N SER B 388 -4.47 -0.35 -22.48
CA SER B 388 -5.67 -1.07 -22.05
C SER B 388 -6.86 -0.92 -23.01
N LEU B 389 -6.62 -0.51 -24.26
CA LEU B 389 -7.71 -0.39 -25.24
C LEU B 389 -8.04 -1.75 -25.86
N LEU B 390 -9.34 -1.99 -26.06
CA LEU B 390 -9.86 -3.19 -26.75
C LEU B 390 -10.47 -2.80 -28.12
N LYS B 391 -9.63 -2.77 -29.16
CA LYS B 391 -10.03 -2.19 -30.45
C LYS B 391 -11.07 -3.02 -31.25
N GLU B 392 -10.65 -4.16 -31.80
CA GLU B 392 -11.51 -5.01 -32.63
C GLU B 392 -11.34 -6.49 -32.27
CHA HEM C . 10.25 -10.68 9.88
CHB HEM C . 14.07 -13.55 10.58
CHC HEM C . 11.05 -17.28 11.51
CHD HEM C . 7.31 -14.23 11.31
C1A HEM C . 11.54 -11.15 9.96
C2A HEM C . 12.67 -10.42 9.58
C3A HEM C . 13.76 -11.22 9.78
C4A HEM C . 13.28 -12.45 10.30
CMA HEM C . 15.21 -10.85 9.54
CAA HEM C . 12.68 -8.99 9.08
CBA HEM C . 12.10 -8.89 7.66
CGA HEM C . 13.13 -9.19 6.59
O1A HEM C . 13.93 -8.30 6.23
O2A HEM C . 13.18 -10.31 6.04
C1B HEM C . 13.57 -14.84 10.89
C2B HEM C . 14.41 -15.99 11.07
C3B HEM C . 13.59 -17.06 11.35
C4B HEM C . 12.20 -16.51 11.29
CMB HEM C . 15.92 -15.96 11.01
CAB HEM C . 13.89 -18.49 11.58
CBB HEM C . 15.06 -19.11 11.39
C1C HEM C . 9.75 -16.79 11.56
C2C HEM C . 8.59 -17.56 11.81
C3C HEM C . 7.50 -16.68 11.77
C4C HEM C . 8.04 -15.38 11.47
CMC HEM C . 8.57 -19.04 12.11
CAC HEM C . 6.06 -16.94 11.95
CBC HEM C . 5.50 -18.13 12.12
C1D HEM C . 7.86 -13.03 10.89
C2D HEM C . 7.01 -11.86 10.61
C3D HEM C . 7.82 -10.88 10.21
C4D HEM C . 9.18 -11.45 10.23
CMD HEM C . 5.51 -11.75 10.75
CAD HEM C . 7.41 -9.48 9.82
CBD HEM C . 7.66 -8.51 10.98
CGD HEM C . 6.66 -8.67 12.10
O1D HEM C . 5.44 -8.57 11.89
O2D HEM C . 7.08 -8.91 13.26
NA HEM C . 11.91 -12.42 10.34
NB HEM C . 12.30 -15.20 11.02
NC HEM C . 9.39 -15.49 11.32
ND HEM C . 9.17 -12.74 10.65
FE HEM C . 10.65 -13.91 10.82
C CYN D . 10.71 -13.92 8.94
N CYN D . 11.04 -13.52 7.73
N TRP E . 13.76 -12.96 6.59
CA TRP E . 14.54 -14.14 7.09
C TRP E . 16.04 -13.84 7.13
O TRP E . 16.83 -14.71 7.50
CB TRP E . 14.29 -15.38 6.22
CG TRP E . 12.99 -16.03 6.47
CD1 TRP E . 12.49 -16.39 7.68
CD2 TRP E . 12.03 -16.46 5.49
NE1 TRP E . 11.27 -16.99 7.52
CE2 TRP E . 10.96 -17.05 6.19
CE3 TRP E . 11.98 -16.38 4.09
CZ2 TRP E . 9.84 -17.57 5.54
CZ3 TRP E . 10.86 -16.90 3.44
CH2 TRP E . 9.80 -17.49 4.18
OXT TRP E . 16.50 -12.75 6.79
C1 ZCW F . 3.12 -13.77 14.25
C2 ZCW F . 3.05 -15.15 14.36
C3 ZCW F . 1.79 -15.74 14.43
C4 ZCW F . 0.62 -14.97 14.38
C5 ZCW F . 0.68 -13.57 14.27
C6 ZCW F . 1.92 -12.93 14.20
N1 ZCW F . 2.31 -11.66 14.10
C7 ZCW F . 3.66 -11.56 14.07
C8 ZCW F . 4.24 -12.83 14.17
C9 ZCW F . 5.70 -13.19 14.16
C10 ZCW F . 6.46 -12.46 15.26
O1 ZCW F . 7.35 -11.50 14.70
CHA HEM G . 0.10 14.20 -11.21
CHB HEM G . 1.46 18.72 -12.20
CHC HEM G . -3.21 20.10 -12.28
CHD HEM G . -4.54 15.49 -11.82
C1A HEM G . 0.85 15.31 -11.43
C2A HEM G . 2.26 15.35 -11.33
C3A HEM G . 2.65 16.62 -11.62
C4A HEM G . 1.47 17.38 -11.91
CMA HEM G . 4.06 17.16 -11.66
CAA HEM G . 3.13 14.17 -10.98
CBA HEM G . 2.99 13.72 -9.52
CGA HEM G . 3.79 14.56 -8.56
O1A HEM G . 5.02 14.36 -8.39
O2A HEM G . 3.22 15.45 -7.91
C1B HEM G . 0.29 19.49 -12.29
C2B HEM G . 0.31 20.91 -12.49
C3B HEM G . -1.00 21.34 -12.52
C4B HEM G . -1.82 20.11 -12.31
CMB HEM G . 1.57 21.72 -12.65
CAB HEM G . -1.58 22.70 -12.66
CBB HEM G . -0.92 23.86 -12.61
C1C HEM G . -4.01 18.96 -12.19
C2C HEM G . -5.42 18.96 -12.20
C3C HEM G . -5.83 17.64 -12.07
C4C HEM G . -4.64 16.84 -11.99
CMC HEM G . -6.34 20.16 -12.33
CAC HEM G . -7.27 17.30 -12.10
CBC HEM G . -7.81 16.09 -12.16
C1D HEM G . -3.34 14.80 -11.61
C2D HEM G . -3.34 13.35 -11.33
C3D HEM G . -2.06 13.00 -11.15
C4D HEM G . -1.29 14.23 -11.31
CMD HEM G . -4.51 12.40 -11.24
CAD HEM G . -1.53 11.62 -10.83
CBD HEM G . -0.91 10.98 -12.08
CGD HEM G . -1.97 10.52 -13.04
O1D HEM G . -2.85 9.70 -12.68
O2D HEM G . -2.01 10.96 -14.22
NA HEM G . 0.38 16.58 -11.74
NB HEM G . -0.97 19.08 -12.19
NC HEM G . -3.56 17.69 -12.03
ND HEM G . -2.09 15.29 -11.60
FE HEM G . -1.55 17.09 -11.89
C CYN H . -1.55 17.09 -9.99
N CYN H . -0.72 17.16 -8.95
N TRP I . 2.22 18.24 -8.34
CA TRP I . 2.11 19.66 -8.80
C TRP I . 3.48 20.27 -9.11
O TRP I . 4.50 19.58 -9.07
CB TRP I . 1.35 20.53 -7.77
CG TRP I . -0.13 20.23 -7.74
CD1 TRP I . -0.94 20.10 -8.82
CD2 TRP I . -0.96 20.05 -6.58
NE1 TRP I . -2.23 19.84 -8.41
CE2 TRP I . -2.26 19.80 -7.05
CE3 TRP I . -0.73 20.06 -5.21
CZ2 TRP I . -3.35 19.57 -6.18
CZ3 TRP I . -1.80 19.83 -4.34
CH2 TRP I . -3.10 19.58 -4.84
OXT TRP I . 3.60 21.46 -9.43
C1 ZCW J . -8.21 12.56 -14.08
C2 ZCW J . -9.13 13.59 -14.09
C3 ZCW J . -10.46 13.29 -13.80
C4 ZCW J . -10.86 11.98 -13.49
C5 ZCW J . -9.93 10.92 -13.47
C6 ZCW J . -8.59 11.18 -13.76
N1 ZCW J . -7.49 10.41 -13.83
C7 ZCW J . -6.40 11.17 -14.18
C8 ZCW J . -6.76 12.50 -14.35
C9 ZCW J . -5.87 13.67 -14.72
C10 ZCW J . -4.84 13.26 -15.76
O1 ZCW J . -3.58 12.94 -15.16
#